data_4AN0
#
_entry.id   4AN0
#
_cell.length_a   71.300
_cell.length_b   99.900
_cell.length_c   111.200
_cell.angle_alpha   90.00
_cell.angle_beta   90.00
_cell.angle_gamma   90.00
#
_symmetry.space_group_name_H-M   'P 21 21 21'
#
loop_
_entity.id
_entity.type
_entity.pdbx_description
1 polymer 'Prolyl endopeptidase'
2 non-polymer (2S)-1-[1-(4-phenylbutanoyl)-L-prolyl]pyrrolidine-2-carbonitrile
3 non-polymer GLYCEROL
4 water water
#
_entity_poly.entity_id   1
_entity_poly.type   'polypeptide(L)'
_entity_poly.pdbx_seq_one_letter_code
;MLSFQYPDVYRDETAIQDYHGHKVCDPYAWLEDPDSEQTKAFVEAQNKITVPFLEQCPIRGLYKERMTELYDYPKYSCHF
KKGKRYFYFYNTGLQNQRVLYVQDSLEGEARVFLDPNILSDDGTVALRGYAFSEDGEYFAYGLSASGSDWVTIKFMKVDG
AKELPDVLERVKFSCMAWTHDGKGMFYNAYPQQDGKSDGTETSTNLHQKLYYHVLGTDQSEDILCAEFPDEPKWMGGAEL
SDDGRYVLLSIREGCDPVNRLWYCDLQQESNGITGILKWVKLIDNFEGEYDYVTNEGTVFTFKTNRHSPNYRLINIDFTD
PEESKWKVLVPEHEKDVLEWVACVRSNFLVLCYLHDVKNTLQLHDLATGALLKIFPLEVGSVVGYSGQKKDTEIFYQFTS
FLSPGIIYHCDLTKEELEPRVFREVTVKGIDASDYQTVQIFYPSKDGTKIPMFIVHKKGIKLDGSHPAFLYGYGGFNISI
TPNYSVSRLIFVRHMGGVLAVANIRGGGEYGETWHKGGILANKQNCFDDFQCAAEYLIKEGYTSPKRLTINGGSNGGLLV
ATCANQRPDLFGCVIAQVGVMDMLKFHKYTIGHAWTTDYGCSDSKQHFEWLIKYSPLHNVKLPEADDIQYPSMLLLTADH
DDRVVPLHSLKFIATLQYIVGRSRKQNNPLLIHVDTKAGHGAGKPTAKVIEEVSDMFAFIARCLNIDWIP
;
_entity_poly.pdbx_strand_id   A
#
loop_
_chem_comp.id
_chem_comp.type
_chem_comp.name
_chem_comp.formula
2P6 non-polymer (2S)-1-[1-(4-phenylbutanoyl)-L-prolyl]pyrrolidine-2-carbonitrile 'C20 H27 N3 O2'
GOL non-polymer GLYCEROL 'C3 H8 O3'
#
# COMPACT_ATOMS: atom_id res chain seq x y z
N MET A 1 -5.53 -9.49 -35.51
CA MET A 1 -4.23 -9.55 -34.81
C MET A 1 -3.99 -10.87 -34.02
N LEU A 2 -5.05 -11.52 -33.54
CA LEU A 2 -4.89 -12.61 -32.52
C LEU A 2 -4.34 -13.94 -33.06
N SER A 3 -3.04 -14.16 -32.81
CA SER A 3 -2.24 -15.27 -33.36
C SER A 3 -2.22 -16.55 -32.53
N PHE A 4 -2.60 -16.45 -31.27
CA PHE A 4 -2.58 -17.58 -30.33
C PHE A 4 -4.01 -18.03 -30.03
N GLN A 5 -4.15 -19.22 -29.46
CA GLN A 5 -5.44 -19.71 -28.96
C GLN A 5 -5.38 -19.83 -27.44
N TYR A 6 -6.51 -19.56 -26.79
CA TYR A 6 -6.65 -19.71 -25.35
C TYR A 6 -6.60 -21.18 -24.94
N PRO A 7 -6.00 -21.44 -23.76
CA PRO A 7 -5.93 -22.81 -23.21
C PRO A 7 -7.31 -23.38 -22.91
N ASP A 8 -7.45 -24.69 -23.16
CA ASP A 8 -8.49 -25.53 -22.58
C ASP A 8 -8.45 -25.39 -21.08
N VAL A 9 -9.61 -25.12 -20.49
CA VAL A 9 -9.69 -24.99 -19.03
C VAL A 9 -11.00 -25.63 -18.64
N TYR A 10 -10.89 -26.67 -17.81
CA TYR A 10 -12.02 -27.46 -17.38
C TYR A 10 -13.03 -26.65 -16.57
N ARG A 11 -14.32 -26.85 -16.85
CA ARG A 11 -15.40 -26.20 -16.11
C ARG A 11 -16.08 -27.25 -15.27
N ASP A 12 -16.06 -27.05 -13.96
CA ASP A 12 -16.75 -27.96 -13.04
C ASP A 12 -18.17 -27.43 -12.92
N GLU A 13 -19.08 -28.01 -13.70
CA GLU A 13 -20.48 -27.52 -13.76
C GLU A 13 -21.28 -27.96 -12.52
N THR A 14 -20.68 -28.83 -11.71
CA THR A 14 -21.34 -29.28 -10.48
C THR A 14 -21.10 -28.31 -9.33
N ALA A 15 -20.18 -27.36 -9.52
CA ALA A 15 -19.79 -26.42 -8.46
C ALA A 15 -20.84 -25.33 -8.32
N ILE A 16 -21.89 -25.62 -7.55
CA ILE A 16 -23.04 -24.73 -7.44
C ILE A 16 -23.19 -24.49 -5.95
N GLN A 17 -23.22 -23.21 -5.53
CA GLN A 17 -23.41 -22.82 -4.14
C GLN A 17 -24.63 -21.92 -3.97
N ASP A 18 -25.36 -22.15 -2.87
CA ASP A 18 -26.53 -21.33 -2.60
C ASP A 18 -26.10 -20.22 -1.67
N TYR A 19 -26.37 -18.99 -2.08
CA TYR A 19 -26.12 -17.85 -1.20
C TYR A 19 -27.48 -17.24 -0.97
N HIS A 20 -28.03 -17.41 0.23
CA HIS A 20 -29.31 -16.83 0.60
C HIS A 20 -30.37 -17.00 -0.49
N GLY A 21 -30.43 -18.18 -1.10
CA GLY A 21 -31.41 -18.44 -2.17
C GLY A 21 -30.95 -18.12 -3.59
N HIS A 22 -29.85 -17.40 -3.73
CA HIS A 22 -29.29 -17.14 -5.05
C HIS A 22 -28.29 -18.27 -5.32
N LYS A 23 -28.48 -18.98 -6.43
CA LYS A 23 -27.56 -20.04 -6.81
C LYS A 23 -26.41 -19.44 -7.57
N VAL A 24 -25.19 -19.78 -7.16
CA VAL A 24 -23.96 -19.27 -7.76
C VAL A 24 -23.11 -20.44 -8.32
N CYS A 25 -22.85 -20.43 -9.63
CA CYS A 25 -21.97 -21.44 -10.25
C CYS A 25 -20.53 -20.94 -10.13
N ASP A 26 -19.60 -21.83 -9.78
CA ASP A 26 -18.19 -21.45 -9.66
C ASP A 26 -17.33 -22.51 -10.38
N PRO A 27 -17.43 -22.60 -11.71
CA PRO A 27 -16.86 -23.77 -12.41
C PRO A 27 -15.31 -23.86 -12.37
N TYR A 28 -14.65 -22.78 -11.98
CA TYR A 28 -13.20 -22.75 -11.79
C TYR A 28 -12.80 -22.76 -10.32
N ALA A 29 -13.69 -23.22 -9.45
CA ALA A 29 -13.37 -23.36 -8.01
C ALA A 29 -12.04 -24.11 -7.81
N TRP A 30 -11.74 -25.06 -8.68
CA TRP A 30 -10.54 -25.89 -8.52
C TRP A 30 -9.22 -25.11 -8.65
N LEU A 31 -9.28 -23.89 -9.19
CA LEU A 31 -8.09 -23.06 -9.33
C LEU A 31 -7.69 -22.40 -8.00
N GLU A 32 -8.55 -22.56 -7.00
CA GLU A 32 -8.31 -22.13 -5.63
C GLU A 32 -7.20 -22.95 -4.98
N ASP A 33 -6.93 -24.13 -5.53
CA ASP A 33 -5.84 -24.96 -5.02
C ASP A 33 -4.54 -24.71 -5.78
N PRO A 34 -3.58 -23.99 -5.16
CA PRO A 34 -2.35 -23.62 -5.85
C PRO A 34 -1.41 -24.79 -6.10
N ASP A 35 -1.55 -25.87 -5.35
CA ASP A 35 -0.61 -26.98 -5.42
C ASP A 35 -1.00 -28.09 -6.41
N SER A 36 -2.22 -28.08 -6.94
CA SER A 36 -2.65 -29.20 -7.80
C SER A 36 -1.91 -29.15 -9.13
N GLU A 37 -1.73 -30.32 -9.75
CA GLU A 37 -1.15 -30.36 -11.11
C GLU A 37 -2.04 -29.58 -12.08
N GLN A 38 -3.35 -29.59 -11.86
CA GLN A 38 -4.32 -28.90 -12.72
C GLN A 38 -4.07 -27.38 -12.71
N THR A 39 -3.85 -26.81 -11.52
CA THR A 39 -3.63 -25.37 -11.41
C THR A 39 -2.27 -24.98 -11.96
N LYS A 40 -1.25 -25.76 -11.63
CA LYS A 40 0.07 -25.53 -12.19
C LYS A 40 0.05 -25.62 -13.73
N ALA A 41 -0.70 -26.58 -14.28
CA ALA A 41 -0.78 -26.69 -15.75
C ALA A 41 -1.52 -25.47 -16.32
N PHE A 42 -2.51 -24.97 -15.59
CA PHE A 42 -3.22 -23.75 -15.98
C PHE A 42 -2.30 -22.51 -16.05
N VAL A 43 -1.53 -22.27 -14.98
CA VAL A 43 -0.59 -21.16 -14.94
C VAL A 43 0.42 -21.22 -16.09
N GLU A 44 1.02 -22.39 -16.27
CA GLU A 44 2.00 -22.62 -17.31
C GLU A 44 1.39 -22.37 -18.70
N ALA A 45 0.20 -22.92 -18.96
CA ALA A 45 -0.47 -22.72 -20.25
C ALA A 45 -0.72 -21.23 -20.46
N GLN A 46 -1.12 -20.55 -19.39
CA GLN A 46 -1.41 -19.12 -19.53
C GLN A 46 -0.16 -18.26 -19.81
N ASN A 47 0.91 -18.46 -19.05
CA ASN A 47 2.16 -17.69 -19.29
C ASN A 47 2.74 -17.95 -20.69
N LYS A 48 2.42 -19.14 -21.21
CA LYS A 48 2.95 -19.58 -22.48
C LYS A 48 2.38 -18.75 -23.64
N ILE A 49 1.18 -18.20 -23.49
CA ILE A 49 0.67 -17.30 -24.54
C ILE A 49 0.88 -15.80 -24.23
N THR A 50 0.99 -15.45 -22.95
CA THR A 50 1.09 -14.04 -22.56
C THR A 50 2.44 -13.48 -22.90
N VAL A 51 3.48 -14.15 -22.43
CA VAL A 51 4.86 -13.76 -22.70
C VAL A 51 5.22 -13.53 -24.19
N PRO A 52 4.93 -14.48 -25.08
CA PRO A 52 5.33 -14.11 -26.43
C PRO A 52 4.48 -12.97 -27.06
N PHE A 53 3.27 -12.76 -26.51
CA PHE A 53 2.46 -11.64 -26.93
C PHE A 53 3.12 -10.33 -26.44
N LEU A 54 3.66 -10.36 -25.24
CA LEU A 54 4.24 -9.17 -24.64
C LEU A 54 5.52 -8.74 -25.33
N GLU A 55 6.23 -9.69 -25.93
CA GLU A 55 7.61 -9.47 -26.36
C GLU A 55 7.77 -9.48 -27.88
N GLN A 56 6.67 -9.51 -28.62
CA GLN A 56 6.76 -9.54 -30.08
C GLN A 56 7.08 -8.19 -30.72
N CYS A 57 6.65 -7.12 -30.07
CA CYS A 57 6.84 -5.80 -30.66
C CYS A 57 8.13 -5.18 -30.15
N PRO A 58 9.00 -4.72 -31.08
CA PRO A 58 10.19 -3.96 -30.78
C PRO A 58 9.99 -2.99 -29.61
N ILE A 59 8.75 -2.56 -29.39
CA ILE A 59 8.47 -1.56 -28.37
C ILE A 59 8.85 -1.94 -26.94
N ARG A 60 8.68 -3.21 -26.56
CA ARG A 60 9.12 -3.67 -25.24
C ARG A 60 10.61 -3.40 -24.96
N GLY A 61 11.49 -3.78 -25.88
CA GLY A 61 12.93 -3.55 -25.76
C GLY A 61 13.33 -2.08 -25.68
N LEU A 62 12.62 -1.21 -26.42
CA LEU A 62 12.88 0.25 -26.39
C LEU A 62 12.44 0.86 -25.05
N TYR A 63 11.31 0.38 -24.55
CA TYR A 63 10.78 0.85 -23.31
C TYR A 63 11.70 0.41 -22.16
N LYS A 64 12.02 -0.88 -22.17
CA LYS A 64 12.95 -1.46 -21.21
C LYS A 64 14.29 -0.71 -21.13
N GLU A 65 14.90 -0.45 -22.29
CA GLU A 65 16.17 0.28 -22.41
C GLU A 65 16.02 1.66 -21.80
N ARG A 66 14.94 2.36 -22.15
CA ARG A 66 14.69 3.69 -21.64
C ARG A 66 14.40 3.65 -20.13
N MET A 67 13.63 2.67 -19.69
CA MET A 67 13.40 2.52 -18.26
C MET A 67 14.71 2.24 -17.53
N THR A 68 15.54 1.36 -18.09
CA THR A 68 16.78 1.05 -17.41
C THR A 68 17.64 2.32 -17.23
N GLU A 69 17.73 3.10 -18.31
CA GLU A 69 18.53 4.30 -18.33
C GLU A 69 18.01 5.35 -17.36
N LEU A 70 16.72 5.65 -17.42
CA LEU A 70 16.15 6.76 -16.64
C LEU A 70 15.92 6.43 -15.17
N TYR A 71 15.70 5.15 -14.87
CA TYR A 71 15.50 4.74 -13.48
C TYR A 71 16.83 4.63 -12.77
N ASP A 72 17.92 4.64 -13.54
CA ASP A 72 19.25 4.51 -12.97
C ASP A 72 19.73 5.88 -12.51
N TYR A 73 19.20 6.36 -11.39
CA TYR A 73 19.70 7.58 -10.74
C TYR A 73 19.83 7.29 -9.22
N PRO A 74 20.65 8.08 -8.49
CA PRO A 74 20.82 7.73 -7.08
C PRO A 74 19.58 8.00 -6.24
N LYS A 75 19.18 7.02 -5.45
CA LYS A 75 17.94 7.12 -4.65
C LYS A 75 18.23 7.04 -3.14
N TYR A 76 18.04 8.17 -2.45
CA TYR A 76 18.18 8.30 -0.99
C TYR A 76 16.83 8.35 -0.28
N SER A 77 16.77 7.76 0.93
CA SER A 77 15.73 8.02 1.91
C SER A 77 16.13 9.04 2.97
N CYS A 78 15.18 9.27 3.88
CA CYS A 78 15.43 10.17 4.99
C CYS A 78 16.49 9.59 5.88
N HIS A 79 17.50 10.42 6.17
CA HIS A 79 18.35 10.13 7.27
C HIS A 79 17.42 9.87 8.45
N PHE A 80 17.96 9.23 9.48
CA PHE A 80 17.34 9.25 10.79
C PHE A 80 18.46 8.95 11.71
N LYS A 81 18.35 9.44 12.94
CA LYS A 81 19.36 9.27 13.95
C LYS A 81 18.87 8.23 14.90
N LYS A 82 19.77 7.36 15.35
CA LYS A 82 19.48 6.38 16.39
C LYS A 82 20.71 6.27 17.27
N GLY A 83 20.56 6.59 18.56
CA GLY A 83 21.70 6.78 19.45
C GLY A 83 22.63 7.82 18.89
N LYS A 84 23.91 7.44 18.77
CA LYS A 84 24.99 8.32 18.33
C LYS A 84 25.14 8.39 16.82
N ARG A 85 24.34 7.63 16.08
CA ARG A 85 24.69 7.37 14.67
C ARG A 85 23.57 7.78 13.75
N TYR A 86 23.91 8.16 12.53
CA TYR A 86 22.88 8.45 11.54
C TYR A 86 22.80 7.27 10.57
N PHE A 87 21.60 7.01 10.09
CA PHE A 87 21.35 5.95 9.14
C PHE A 87 20.59 6.52 7.97
N TYR A 88 20.75 5.89 6.81
CA TYR A 88 19.86 6.15 5.68
C TYR A 88 19.86 4.97 4.73
N PHE A 89 18.83 4.90 3.90
CA PHE A 89 18.79 3.94 2.83
C PHE A 89 19.25 4.61 1.54
N TYR A 90 19.89 3.84 0.68
CA TYR A 90 20.42 4.38 -0.54
C TYR A 90 20.57 3.25 -1.56
N ASN A 91 20.22 3.54 -2.80
CA ASN A 91 20.39 2.66 -3.95
C ASN A 91 21.21 3.43 -4.99
N THR A 92 22.34 2.89 -5.46
CA THR A 92 23.17 3.58 -6.45
C THR A 92 22.41 3.86 -7.75
N GLY A 93 21.40 3.04 -8.00
CA GLY A 93 20.47 3.34 -9.08
C GLY A 93 19.71 2.10 -9.47
N LEU A 94 20.44 1.03 -9.78
CA LEU A 94 19.79 -0.17 -10.25
C LEU A 94 20.03 -1.39 -9.37
N GLN A 95 20.45 -1.22 -8.12
CA GLN A 95 20.52 -2.36 -7.22
C GLN A 95 19.13 -2.88 -6.96
N ASN A 96 19.01 -4.19 -6.82
CA ASN A 96 17.72 -4.83 -6.62
C ASN A 96 17.03 -4.35 -5.37
N GLN A 97 17.81 -4.25 -4.29
CA GLN A 97 17.27 -3.80 -3.02
C GLN A 97 18.09 -2.62 -2.56
N ARG A 98 17.45 -1.66 -1.90
CA ARG A 98 18.18 -0.51 -1.39
C ARG A 98 18.94 -0.95 -0.15
N VAL A 99 20.03 -0.23 0.14
CA VAL A 99 20.99 -0.63 1.14
C VAL A 99 20.94 0.33 2.34
N LEU A 100 21.14 -0.21 3.55
CA LEU A 100 21.10 0.61 4.74
C LEU A 100 22.50 1.00 5.14
N TYR A 101 22.76 2.30 5.21
CA TYR A 101 24.07 2.79 5.59
C TYR A 101 24.08 3.41 6.97
N VAL A 102 25.28 3.53 7.55
CA VAL A 102 25.47 4.15 8.85
C VAL A 102 26.69 5.11 8.83
N GLN A 103 26.53 6.26 9.50
CA GLN A 103 27.66 7.16 9.80
C GLN A 103 27.65 7.57 11.27
N ASP A 104 28.82 7.94 11.76
CA ASP A 104 28.93 8.35 13.15
C ASP A 104 28.63 9.84 13.33
N SER A 105 28.41 10.54 12.23
CA SER A 105 28.13 11.96 12.30
C SER A 105 27.49 12.35 10.99
N LEU A 106 26.82 13.49 10.99
CA LEU A 106 26.16 13.99 9.78
C LEU A 106 27.14 14.31 8.64
N GLU A 107 28.39 14.57 9.00
CA GLU A 107 29.43 14.98 8.05
C GLU A 107 30.31 13.77 7.68
N GLY A 108 30.20 12.71 8.48
CA GLY A 108 31.15 11.60 8.45
C GLY A 108 31.01 10.65 7.29
N GLU A 109 32.07 9.86 7.10
CA GLU A 109 32.15 8.81 6.12
C GLU A 109 31.06 7.80 6.45
N ALA A 110 30.29 7.41 5.46
CA ALA A 110 29.23 6.42 5.62
C ALA A 110 29.75 5.02 5.29
N ARG A 111 29.27 3.99 5.98
CA ARG A 111 29.59 2.61 5.62
C ARG A 111 28.33 1.73 5.48
N VAL A 112 28.43 0.65 4.71
CA VAL A 112 27.37 -0.31 4.55
C VAL A 112 27.02 -0.88 5.91
N PHE A 113 25.75 -0.81 6.29
CA PHE A 113 25.32 -1.40 7.54
C PHE A 113 24.51 -2.68 7.31
N LEU A 114 23.51 -2.62 6.43
CA LEU A 114 22.75 -3.80 6.01
C LEU A 114 22.47 -3.78 4.50
N ASP A 115 23.03 -4.77 3.80
CA ASP A 115 22.89 -4.92 2.35
C ASP A 115 22.08 -6.19 2.01
N PRO A 116 20.78 -6.05 1.77
CA PRO A 116 19.96 -7.21 1.42
C PRO A 116 20.33 -7.88 0.11
N ASN A 117 21.10 -7.21 -0.74
CA ASN A 117 21.39 -7.76 -2.06
C ASN A 117 22.20 -9.01 -2.00
N ILE A 118 23.00 -9.15 -0.94
CA ILE A 118 23.81 -10.35 -0.79
C ILE A 118 23.03 -11.58 -0.30
N LEU A 119 21.79 -11.40 0.13
CA LEU A 119 20.98 -12.48 0.65
C LEU A 119 20.30 -13.27 -0.49
N SER A 120 20.29 -12.73 -1.72
CA SER A 120 19.82 -13.53 -2.89
C SER A 120 20.35 -13.05 -4.24
N ASP A 121 20.56 -13.95 -5.19
CA ASP A 121 20.97 -13.60 -6.54
C ASP A 121 19.95 -12.62 -7.16
N ASP A 122 18.67 -12.93 -7.04
CA ASP A 122 17.64 -12.23 -7.82
C ASP A 122 16.96 -11.14 -6.98
N GLY A 123 17.48 -10.89 -5.78
CA GLY A 123 16.96 -9.82 -4.94
C GLY A 123 15.55 -10.02 -4.40
N THR A 124 15.16 -11.27 -4.16
CA THR A 124 13.80 -11.62 -3.78
C THR A 124 13.73 -11.84 -2.29
N VAL A 125 14.82 -11.53 -1.59
CA VAL A 125 14.77 -11.42 -0.13
C VAL A 125 14.86 -9.95 0.19
N ALA A 126 13.87 -9.44 0.91
CA ALA A 126 13.73 -8.01 1.14
C ALA A 126 13.49 -7.71 2.59
N LEU A 127 13.96 -6.54 3.04
CA LEU A 127 13.64 -6.01 4.36
C LEU A 127 12.15 -5.79 4.49
N ARG A 128 11.56 -6.22 5.62
CA ARG A 128 10.17 -5.87 5.89
C ARG A 128 10.01 -5.55 7.36
N GLY A 129 10.02 -4.26 7.66
CA GLY A 129 9.96 -3.79 9.04
C GLY A 129 11.33 -3.85 9.72
N TYR A 130 11.56 -2.92 10.64
CA TYR A 130 12.73 -2.95 11.50
C TYR A 130 12.48 -2.09 12.73
N ALA A 131 13.30 -2.28 13.76
CA ALA A 131 13.24 -1.48 14.96
C ALA A 131 14.59 -1.51 15.68
N PHE A 132 15.07 -0.33 16.00
CA PHE A 132 16.27 -0.20 16.80
C PHE A 132 15.87 -0.22 18.26
N SER A 133 16.76 -0.69 19.11
CA SER A 133 16.60 -0.49 20.55
C SER A 133 16.64 1.03 20.87
N GLU A 134 16.08 1.39 22.01
CA GLU A 134 15.98 2.79 22.43
C GLU A 134 17.34 3.50 22.47
N ASP A 135 18.39 2.78 22.88
CA ASP A 135 19.74 3.38 22.91
C ASP A 135 20.43 3.34 21.52
N GLY A 136 19.74 2.79 20.52
CA GLY A 136 20.30 2.67 19.19
C GLY A 136 21.45 1.67 19.08
N GLU A 137 21.71 0.84 20.09
CA GLU A 137 22.88 -0.09 20.01
C GLU A 137 22.55 -1.47 19.43
N TYR A 138 21.28 -1.85 19.45
CA TYR A 138 20.82 -3.08 18.86
C TYR A 138 19.77 -2.79 17.79
N PHE A 139 19.57 -3.76 16.90
CA PHE A 139 18.77 -3.58 15.70
C PHE A 139 18.05 -4.89 15.36
N ALA A 140 16.71 -4.83 15.27
CA ALA A 140 15.87 -5.95 14.76
C ALA A 140 15.37 -5.60 13.37
N TYR A 141 15.40 -6.59 12.47
CA TYR A 141 14.91 -6.39 11.12
C TYR A 141 14.20 -7.67 10.62
N GLY A 142 13.11 -7.46 9.88
CA GLY A 142 12.35 -8.54 9.30
C GLY A 142 12.74 -8.80 7.87
N LEU A 143 12.84 -10.07 7.50
CA LEU A 143 13.14 -10.43 6.11
C LEU A 143 11.97 -11.20 5.54
N SER A 144 11.55 -10.85 4.34
CA SER A 144 10.55 -11.59 3.62
C SER A 144 11.16 -12.18 2.35
N ALA A 145 10.84 -13.44 2.06
CA ALA A 145 11.29 -14.10 0.82
C ALA A 145 10.17 -14.15 -0.22
N SER A 146 10.58 -13.87 -1.46
CA SER A 146 9.76 -13.96 -2.67
C SER A 146 8.52 -13.14 -2.60
N GLY A 147 8.53 -12.08 -1.83
CA GLY A 147 7.37 -11.21 -1.81
C GLY A 147 6.29 -11.52 -0.78
N SER A 148 6.40 -12.66 -0.10
CA SER A 148 5.44 -13.00 0.95
C SER A 148 5.33 -12.01 2.14
N ASP A 149 4.13 -11.89 2.70
CA ASP A 149 3.92 -11.18 3.98
C ASP A 149 4.61 -11.85 5.18
N TRP A 150 4.88 -13.16 5.08
CA TRP A 150 5.63 -13.85 6.13
C TRP A 150 7.00 -13.21 6.33
N VAL A 151 7.38 -13.08 7.61
CA VAL A 151 8.60 -12.45 8.06
C VAL A 151 9.40 -13.36 8.99
N THR A 152 10.71 -13.30 8.84
CA THR A 152 11.65 -13.82 9.81
C THR A 152 12.40 -12.61 10.36
N ILE A 153 12.38 -12.47 11.68
CA ILE A 153 13.07 -11.35 12.33
C ILE A 153 14.44 -11.81 12.78
N LYS A 154 15.47 -11.06 12.39
CA LYS A 154 16.86 -11.32 12.82
C LYS A 154 17.41 -10.10 13.55
N PHE A 155 18.59 -10.24 14.14
CA PHE A 155 19.09 -9.19 15.04
C PHE A 155 20.57 -8.93 14.78
N MET A 156 20.99 -7.69 15.03
CA MET A 156 22.38 -7.28 14.93
C MET A 156 22.77 -6.37 16.10
N LYS A 157 24.04 -6.45 16.48
CA LYS A 157 24.61 -5.44 17.35
C LYS A 157 25.14 -4.36 16.44
N VAL A 158 24.69 -3.13 16.62
CA VAL A 158 24.99 -2.07 15.66
C VAL A 158 26.50 -1.81 15.53
N ASP A 159 27.18 -1.69 16.66
CA ASP A 159 28.61 -1.44 16.67
C ASP A 159 29.32 -2.64 16.08
N GLY A 160 29.92 -2.46 14.91
CA GLY A 160 30.58 -3.58 14.22
C GLY A 160 29.64 -4.37 13.33
N ALA A 161 28.34 -4.05 13.39
CA ALA A 161 27.33 -4.71 12.55
C ALA A 161 27.42 -6.24 12.67
N LYS A 162 27.43 -6.71 13.92
CA LYS A 162 27.59 -8.13 14.22
C LYS A 162 26.26 -8.83 14.22
N GLU A 163 26.20 -9.94 13.50
CA GLU A 163 25.01 -10.78 13.51
C GLU A 163 24.88 -11.48 14.85
N LEU A 164 23.66 -11.50 15.36
CA LEU A 164 23.35 -12.18 16.60
C LEU A 164 22.61 -13.47 16.23
N PRO A 165 22.58 -14.46 17.15
CA PRO A 165 21.90 -15.75 16.90
C PRO A 165 20.37 -15.68 16.89
N ASP A 166 19.75 -14.70 17.55
CA ASP A 166 18.28 -14.65 17.73
C ASP A 166 17.53 -14.67 16.40
N VAL A 167 16.63 -15.63 16.24
CA VAL A 167 15.81 -15.70 15.02
C VAL A 167 14.36 -15.92 15.46
N LEU A 168 13.46 -15.09 14.93
CA LEU A 168 12.03 -15.22 15.22
C LEU A 168 11.23 -15.68 13.98
N GLU A 169 10.49 -16.79 14.12
CA GLU A 169 9.70 -17.37 13.03
C GLU A 169 8.21 -17.08 13.25
N ARG A 170 7.43 -17.27 12.18
CA ARG A 170 5.95 -17.15 12.16
C ARG A 170 5.42 -15.75 12.41
N VAL A 171 6.25 -14.77 12.06
CA VAL A 171 5.95 -13.35 12.20
C VAL A 171 5.21 -12.90 10.96
N LYS A 172 4.07 -12.25 11.18
CA LYS A 172 3.29 -11.67 10.09
C LYS A 172 2.44 -10.53 10.67
N PHE A 173 2.28 -9.46 9.90
CA PHE A 173 1.58 -8.25 10.32
C PHE A 173 1.98 -7.79 11.73
N SER A 174 3.28 -7.70 11.94
CA SER A 174 3.85 -7.58 13.28
C SER A 174 4.32 -6.16 13.69
N CYS A 175 4.16 -5.83 14.98
CA CYS A 175 4.83 -4.67 15.56
C CYS A 175 6.29 -5.10 15.78
N MET A 176 7.14 -4.13 16.10
CA MET A 176 8.49 -4.39 16.60
C MET A 176 8.77 -3.26 17.57
N ALA A 177 8.83 -3.59 18.86
CA ALA A 177 8.92 -2.57 19.89
C ALA A 177 9.81 -3.02 21.07
N TRP A 178 10.99 -2.44 21.15
CA TRP A 178 11.91 -2.72 22.23
C TRP A 178 11.52 -2.01 23.53
N THR A 179 11.65 -2.74 24.64
CA THR A 179 11.53 -2.09 25.94
C THR A 179 12.77 -1.25 26.15
N HIS A 180 12.63 -0.13 26.87
CA HIS A 180 13.71 0.82 27.06
C HIS A 180 14.84 0.31 27.93
N ASP A 181 14.60 -0.78 28.68
CA ASP A 181 15.65 -1.42 29.45
C ASP A 181 16.59 -2.20 28.50
N GLY A 182 16.26 -2.23 27.21
CA GLY A 182 17.11 -2.94 26.21
C GLY A 182 17.17 -4.45 26.42
N LYS A 183 16.25 -5.00 27.22
CA LYS A 183 16.22 -6.42 27.52
C LYS A 183 15.68 -7.30 26.36
N GLY A 184 14.71 -6.76 25.63
CA GLY A 184 13.98 -7.50 24.61
C GLY A 184 13.02 -6.66 23.81
N MET A 185 12.17 -7.33 23.01
CA MET A 185 11.30 -6.71 22.02
C MET A 185 9.96 -7.46 21.82
N PHE A 186 8.88 -6.69 21.81
CA PHE A 186 7.55 -7.22 21.48
C PHE A 186 7.49 -7.43 20.00
N TYR A 187 6.68 -8.41 19.60
CA TYR A 187 6.39 -8.68 18.20
C TYR A 187 5.18 -9.61 18.19
N ASN A 188 4.63 -9.84 17.01
CA ASN A 188 3.49 -10.71 16.85
C ASN A 188 3.87 -11.97 16.11
N ALA A 189 3.19 -13.06 16.44
CA ALA A 189 3.34 -14.26 15.67
C ALA A 189 2.01 -15.03 15.57
N TYR A 190 1.91 -15.90 14.58
CA TYR A 190 0.73 -16.74 14.39
C TYR A 190 0.96 -18.19 14.83
N PRO A 191 -0.03 -18.84 15.46
CA PRO A 191 0.15 -20.26 15.83
C PRO A 191 0.47 -21.12 14.62
N GLN A 192 1.02 -22.33 14.87
CA GLN A 192 1.34 -23.29 13.80
C GLN A 192 0.09 -23.64 13.01
N GLN A 193 0.29 -23.96 11.75
CA GLN A 193 -0.81 -24.36 10.88
C GLN A 193 -0.35 -25.50 9.99
N ASP A 194 -1.29 -26.37 9.63
CA ASP A 194 -1.00 -27.48 8.72
C ASP A 194 -0.62 -26.91 7.35
N GLY A 195 0.12 -27.70 6.58
CA GLY A 195 0.56 -27.28 5.25
C GLY A 195 1.64 -26.22 5.29
N LYS A 196 1.78 -25.47 4.19
CA LYS A 196 2.87 -24.51 3.98
C LYS A 196 2.61 -23.15 4.63
N SER A 197 3.71 -22.48 5.00
CA SER A 197 3.66 -21.06 5.38
C SER A 197 4.74 -20.26 4.66
N ASP A 198 4.60 -20.09 3.36
CA ASP A 198 5.67 -19.50 2.59
C ASP A 198 5.17 -18.46 1.59
N GLY A 199 3.88 -18.20 1.60
CA GLY A 199 3.30 -17.25 0.64
C GLY A 199 2.54 -17.91 -0.49
N THR A 200 2.71 -19.23 -0.66
CA THR A 200 1.97 -19.94 -1.71
C THR A 200 0.67 -20.52 -1.17
N GLU A 201 0.50 -20.51 0.14
CA GLU A 201 -0.71 -21.12 0.74
C GLU A 201 -1.85 -20.09 0.79
N THR A 202 -3.08 -20.58 0.95
CA THR A 202 -4.25 -19.68 1.01
C THR A 202 -4.85 -19.61 2.43
N SER A 203 -4.29 -20.35 3.36
CA SER A 203 -4.91 -20.52 4.68
C SER A 203 -5.13 -19.19 5.41
N THR A 204 -6.30 -19.07 6.01
CA THR A 204 -6.68 -17.87 6.76
C THR A 204 -5.75 -17.64 7.96
N ASN A 205 -5.45 -16.39 8.26
CA ASN A 205 -4.58 -16.04 9.40
C ASN A 205 -5.42 -15.53 10.56
N LEU A 206 -5.46 -16.35 11.61
CA LEU A 206 -6.27 -16.10 12.80
C LEU A 206 -5.45 -16.32 14.07
N HIS A 207 -5.94 -15.79 15.19
CA HIS A 207 -5.35 -15.93 16.52
C HIS A 207 -3.92 -15.35 16.63
N GLN A 208 -3.67 -14.20 16.00
CA GLN A 208 -2.37 -13.53 16.13
C GLN A 208 -2.08 -13.27 17.61
N LYS A 209 -0.84 -13.49 18.02
CA LYS A 209 -0.52 -13.34 19.43
C LYS A 209 0.51 -12.25 19.63
N LEU A 210 0.61 -11.70 20.83
CA LEU A 210 1.69 -10.74 21.16
C LEU A 210 2.71 -11.41 22.07
N TYR A 211 3.95 -11.50 21.63
CA TYR A 211 5.02 -12.11 22.41
C TYR A 211 6.07 -11.06 22.76
N TYR A 212 6.92 -11.42 23.70
CA TYR A 212 8.06 -10.59 24.04
C TYR A 212 9.30 -11.48 23.89
N HIS A 213 10.27 -11.04 23.12
CA HIS A 213 11.46 -11.87 22.97
C HIS A 213 12.61 -11.28 23.78
N VAL A 214 13.08 -12.01 24.77
CA VAL A 214 14.30 -11.61 25.53
C VAL A 214 15.55 -11.83 24.67
N LEU A 215 16.27 -10.76 24.36
CA LEU A 215 17.50 -10.90 23.54
C LEU A 215 18.50 -11.91 24.14
N GLY A 216 19.04 -12.78 23.30
CA GLY A 216 20.01 -13.78 23.73
C GLY A 216 19.39 -15.09 24.20
N THR A 217 18.11 -15.30 23.89
CA THR A 217 17.44 -16.54 24.26
C THR A 217 16.80 -17.12 23.00
N ASP A 218 16.33 -18.37 23.10
CA ASP A 218 15.59 -18.98 21.99
C ASP A 218 14.14 -18.48 21.90
N GLN A 219 13.60 -18.40 20.70
CA GLN A 219 12.19 -18.07 20.54
C GLN A 219 11.24 -18.91 21.44
N SER A 220 11.55 -20.18 21.67
CA SER A 220 10.69 -21.03 22.48
C SER A 220 10.56 -20.52 23.91
N GLU A 221 11.45 -19.60 24.34
CA GLU A 221 11.36 -19.05 25.69
C GLU A 221 10.52 -17.76 25.72
N ASP A 222 10.05 -17.32 24.56
CA ASP A 222 9.34 -16.02 24.47
C ASP A 222 8.08 -15.97 25.32
N ILE A 223 7.83 -14.82 25.92
CA ILE A 223 6.73 -14.65 26.87
C ILE A 223 5.47 -14.24 26.11
N LEU A 224 4.35 -14.95 26.30
CA LEU A 224 3.06 -14.56 25.73
C LEU A 224 2.46 -13.42 26.55
N CYS A 225 2.25 -12.26 25.92
CA CYS A 225 1.82 -11.02 26.65
C CYS A 225 0.38 -10.57 26.45
N ALA A 226 -0.20 -10.96 25.32
CA ALA A 226 -1.60 -10.72 25.00
C ALA A 226 -2.07 -11.75 23.96
N GLU A 227 -3.30 -12.24 24.12
CA GLU A 227 -3.95 -13.07 23.08
C GLU A 227 -5.45 -12.87 23.25
N PHE A 228 -6.20 -13.14 22.18
CA PHE A 228 -7.65 -12.95 22.14
C PHE A 228 -8.31 -14.20 21.56
N PRO A 229 -8.23 -15.33 22.29
CA PRO A 229 -8.79 -16.62 21.78
C PRO A 229 -10.28 -16.57 21.46
N ASP A 230 -11.02 -15.64 22.09
CA ASP A 230 -12.46 -15.53 21.83
C ASP A 230 -12.78 -14.66 20.63
N GLU A 231 -11.74 -13.94 20.17
CA GLU A 231 -11.84 -13.02 19.05
C GLU A 231 -10.68 -13.28 18.04
N PRO A 232 -10.80 -14.33 17.24
CA PRO A 232 -9.68 -14.80 16.40
C PRO A 232 -9.18 -13.78 15.36
N LYS A 233 -9.96 -12.72 15.07
CA LYS A 233 -9.55 -11.67 14.10
C LYS A 233 -8.80 -10.48 14.68
N TRP A 234 -8.82 -10.35 16.00
CA TRP A 234 -8.17 -9.23 16.68
C TRP A 234 -6.67 -9.29 16.51
N MET A 235 -6.07 -8.13 16.32
CA MET A 235 -4.62 -8.04 16.16
C MET A 235 -4.10 -6.99 17.12
N GLY A 236 -3.22 -7.39 18.04
CA GLY A 236 -2.71 -6.45 19.03
C GLY A 236 -1.29 -6.01 18.76
N GLY A 237 -1.10 -4.74 18.39
CA GLY A 237 0.23 -4.22 18.10
C GLY A 237 0.72 -3.43 19.28
N ALA A 238 1.99 -3.62 19.65
CA ALA A 238 2.57 -2.92 20.82
C ALA A 238 3.58 -1.83 20.47
N GLU A 239 3.61 -0.79 21.28
CA GLU A 239 4.62 0.25 21.17
C GLU A 239 4.93 0.76 22.59
N LEU A 240 6.13 1.30 22.80
CA LEU A 240 6.48 1.82 24.11
C LEU A 240 6.28 3.32 24.06
N SER A 241 5.69 3.89 25.11
CA SER A 241 5.64 5.34 25.24
C SER A 241 7.07 5.97 25.17
N ASP A 242 7.15 7.24 24.83
CA ASP A 242 8.43 7.92 24.64
C ASP A 242 9.34 7.83 25.87
N ASP A 243 8.73 7.79 27.06
CA ASP A 243 9.51 7.71 28.29
C ASP A 243 9.76 6.26 28.73
N GLY A 244 9.41 5.27 27.89
CA GLY A 244 9.62 3.85 28.23
C GLY A 244 8.73 3.24 29.33
N ARG A 245 7.89 4.05 29.96
CA ARG A 245 7.12 3.61 31.13
C ARG A 245 5.88 2.73 30.80
N TYR A 246 5.27 2.94 29.65
CA TYR A 246 4.04 2.24 29.29
C TYR A 246 4.14 1.47 27.98
N VAL A 247 3.63 0.23 27.97
CA VAL A 247 3.35 -0.46 26.71
C VAL A 247 1.94 -0.06 26.27
N LEU A 248 1.80 0.41 25.06
CA LEU A 248 0.49 0.77 24.52
C LEU A 248 0.12 -0.30 23.49
N LEU A 249 -1.06 -0.87 23.67
CA LEU A 249 -1.54 -1.96 22.85
C LEU A 249 -2.67 -1.44 21.96
N SER A 250 -2.45 -1.43 20.65
CA SER A 250 -3.51 -1.03 19.70
C SER A 250 -4.13 -2.25 19.07
N ILE A 251 -5.39 -2.47 19.36
CA ILE A 251 -6.06 -3.66 18.88
C ILE A 251 -6.92 -3.36 17.68
N ARG A 252 -6.66 -4.08 16.60
CA ARG A 252 -7.40 -3.90 15.33
C ARG A 252 -8.23 -5.13 15.02
N GLU A 253 -9.35 -4.90 14.40
CA GLU A 253 -10.12 -5.96 13.78
C GLU A 253 -10.58 -5.44 12.43
N GLY A 254 -9.97 -5.91 11.36
CA GLY A 254 -10.25 -5.31 10.08
C GLY A 254 -9.47 -4.03 9.78
N CYS A 255 -9.83 -3.40 8.66
CA CYS A 255 -8.98 -2.38 8.05
C CYS A 255 -9.47 -0.98 8.35
N ASP A 256 -10.60 -0.86 9.05
CA ASP A 256 -11.08 0.46 9.42
C ASP A 256 -10.06 1.22 10.26
N PRO A 257 -10.00 2.56 10.08
CA PRO A 257 -9.12 3.36 10.94
C PRO A 257 -9.74 3.52 12.34
N VAL A 258 -9.70 2.43 13.11
CA VAL A 258 -10.13 2.40 14.50
C VAL A 258 -9.30 1.40 15.26
N ASN A 259 -9.28 1.55 16.60
CA ASN A 259 -8.60 0.61 17.48
C ASN A 259 -9.06 0.68 18.93
N ARG A 260 -9.00 -0.44 19.64
CA ARG A 260 -8.92 -0.39 21.11
C ARG A 260 -7.51 0.10 21.50
N LEU A 261 -7.42 0.67 22.68
CA LEU A 261 -6.18 1.14 23.23
C LEU A 261 -6.16 0.72 24.69
N TRP A 262 -5.27 -0.23 24.99
CA TRP A 262 -5.03 -0.64 26.36
C TRP A 262 -3.62 -0.22 26.67
N TYR A 263 -3.34 -0.03 27.96
CA TYR A 263 -1.98 0.26 28.35
C TYR A 263 -1.50 -0.63 29.49
N CYS A 264 -0.17 -0.74 29.59
CA CYS A 264 0.45 -1.42 30.72
C CYS A 264 1.55 -0.52 31.27
N ASP A 265 1.38 -0.10 32.53
CA ASP A 265 2.45 0.67 33.25
C ASP A 265 3.48 -0.40 33.62
N LEU A 266 4.62 -0.40 32.97
CA LEU A 266 5.61 -1.49 33.20
C LEU A 266 6.08 -1.55 34.65
N GLN A 267 6.01 -0.40 35.30
CA GLN A 267 6.54 -0.29 36.65
C GLN A 267 5.58 -1.03 37.61
N GLN A 268 4.36 -1.34 37.15
CA GLN A 268 3.38 -2.03 37.98
C GLN A 268 3.41 -3.55 37.79
N GLU A 269 4.28 -4.01 36.89
CA GLU A 269 4.48 -5.43 36.74
C GLU A 269 5.18 -6.04 37.97
N SER A 270 4.55 -7.07 38.52
CA SER A 270 5.01 -7.68 39.77
C SER A 270 6.51 -8.03 39.75
N ASN A 271 7.04 -8.40 38.58
CA ASN A 271 8.40 -8.95 38.44
C ASN A 271 8.94 -8.83 36.99
N GLY A 272 8.67 -7.72 36.31
CA GLY A 272 9.00 -7.57 34.91
C GLY A 272 7.98 -8.28 34.02
N ILE A 273 8.37 -8.53 32.78
CA ILE A 273 7.52 -9.15 31.77
C ILE A 273 7.61 -10.66 31.93
N THR A 274 6.60 -11.26 32.56
CA THR A 274 6.66 -12.71 32.83
C THR A 274 5.43 -13.45 32.34
N GLY A 275 4.41 -12.73 31.86
CA GLY A 275 3.22 -13.41 31.33
C GLY A 275 2.27 -12.38 30.76
N ILE A 276 0.97 -12.67 30.80
CA ILE A 276 -0.03 -11.71 30.35
C ILE A 276 0.09 -10.47 31.24
N LEU A 277 0.21 -9.32 30.60
CA LEU A 277 0.50 -8.08 31.31
C LEU A 277 -0.77 -7.64 31.99
N LYS A 278 -0.64 -6.74 32.97
CA LYS A 278 -1.80 -6.14 33.63
C LYS A 278 -2.38 -5.00 32.77
N TRP A 279 -3.07 -5.37 31.70
CA TRP A 279 -3.61 -4.39 30.79
C TRP A 279 -4.73 -3.60 31.44
N VAL A 280 -4.67 -2.29 31.24
CA VAL A 280 -5.75 -1.39 31.67
C VAL A 280 -6.43 -0.96 30.39
N LYS A 281 -7.74 -1.21 30.32
CA LYS A 281 -8.47 -1.06 29.06
C LYS A 281 -9.01 0.37 28.92
N LEU A 282 -8.10 1.30 28.70
CA LEU A 282 -8.41 2.72 28.54
C LEU A 282 -9.54 2.92 27.52
N ILE A 283 -9.35 2.39 26.30
CA ILE A 283 -10.37 2.48 25.25
C ILE A 283 -10.72 1.05 24.84
N ASP A 284 -11.89 0.62 25.25
CA ASP A 284 -12.20 -0.78 25.05
C ASP A 284 -13.33 -1.07 24.03
N ASN A 285 -13.28 -0.39 22.88
CA ASN A 285 -14.22 -0.56 21.79
C ASN A 285 -13.56 -0.12 20.49
N PHE A 286 -14.24 -0.35 19.37
CA PHE A 286 -13.70 0.01 18.05
C PHE A 286 -14.38 1.21 17.44
N GLU A 287 -14.79 2.16 18.27
CA GLU A 287 -15.51 3.34 17.77
C GLU A 287 -14.63 4.44 17.18
N GLY A 288 -13.33 4.38 17.38
CA GLY A 288 -12.47 5.47 16.93
C GLY A 288 -11.02 5.04 16.89
N GLU A 289 -10.19 5.83 16.22
CA GLU A 289 -8.78 5.57 16.18
C GLU A 289 -8.07 6.43 17.22
N TYR A 290 -7.05 5.86 17.85
CA TYR A 290 -6.25 6.56 18.85
C TYR A 290 -4.84 6.18 18.52
N ASP A 291 -4.12 7.11 17.91
CA ASP A 291 -2.78 6.92 17.43
C ASP A 291 -1.84 7.75 18.31
N TYR A 292 -0.97 7.06 19.08
CA TYR A 292 -0.14 7.72 20.10
C TYR A 292 0.81 8.72 19.45
N VAL A 293 0.86 9.94 19.98
CA VAL A 293 1.86 10.92 19.48
C VAL A 293 3.02 11.06 20.47
N THR A 294 2.70 11.42 21.70
CA THR A 294 3.69 11.52 22.77
C THR A 294 2.88 11.51 24.07
N ASN A 295 3.57 11.48 25.21
CA ASN A 295 2.94 11.72 26.52
C ASN A 295 3.87 12.56 27.39
N GLU A 296 3.30 13.15 28.44
CA GLU A 296 4.07 13.85 29.47
C GLU A 296 3.48 13.36 30.77
N GLY A 297 4.24 12.62 31.56
CA GLY A 297 3.65 11.97 32.72
C GLY A 297 2.43 11.15 32.24
N THR A 298 1.28 11.39 32.84
CA THR A 298 0.09 10.64 32.52
C THR A 298 -0.79 11.27 31.42
N VAL A 299 -0.36 12.41 30.88
CA VAL A 299 -1.08 13.10 29.81
C VAL A 299 -0.59 12.65 28.43
N PHE A 300 -1.46 11.92 27.75
CA PHE A 300 -1.19 11.21 26.55
C PHE A 300 -1.87 11.88 25.35
N THR A 301 -1.06 12.32 24.39
CA THR A 301 -1.55 12.99 23.19
C THR A 301 -1.77 11.94 22.10
N PHE A 302 -2.99 11.86 21.57
CA PHE A 302 -3.31 10.97 20.45
C PHE A 302 -3.89 11.77 19.28
N LYS A 303 -3.56 11.33 18.07
CA LYS A 303 -4.29 11.70 16.90
C LYS A 303 -5.51 10.78 16.82
N THR A 304 -6.68 11.38 16.63
CA THR A 304 -7.95 10.66 16.66
C THR A 304 -8.93 11.08 15.60
N ASN A 305 -9.85 10.18 15.27
CA ASN A 305 -11.00 10.54 14.43
C ASN A 305 -12.29 10.52 15.18
N ARG A 306 -12.21 10.31 16.50
CA ARG A 306 -13.41 10.32 17.36
C ARG A 306 -14.13 11.66 17.26
N HIS A 307 -15.37 11.62 16.80
CA HIS A 307 -16.18 12.82 16.49
C HIS A 307 -15.53 13.78 15.52
N SER A 308 -14.54 13.29 14.74
CA SER A 308 -13.80 14.17 13.83
C SER A 308 -13.29 13.45 12.61
N PRO A 309 -14.13 13.39 11.58
CA PRO A 309 -13.76 12.71 10.37
C PRO A 309 -12.47 13.20 9.71
N ASN A 310 -12.05 14.45 9.91
CA ASN A 310 -10.77 14.90 9.32
C ASN A 310 -9.59 14.80 10.27
N TYR A 311 -9.84 14.27 11.48
CA TYR A 311 -8.80 14.00 12.48
C TYR A 311 -8.43 15.24 13.28
N ARG A 312 -8.11 15.04 14.56
CA ARG A 312 -7.68 16.13 15.43
C ARG A 312 -6.73 15.54 16.44
N LEU A 313 -6.14 16.40 17.29
CA LEU A 313 -5.31 15.93 18.40
C LEU A 313 -5.99 16.13 19.77
N ILE A 314 -6.03 15.08 20.57
CA ILE A 314 -6.58 15.14 21.93
C ILE A 314 -5.56 14.70 22.97
N ASN A 315 -5.74 15.18 24.19
CA ASN A 315 -4.96 14.78 25.35
C ASN A 315 -5.85 13.97 26.25
N ILE A 316 -5.46 12.73 26.53
CA ILE A 316 -6.19 11.87 27.48
C ILE A 316 -5.26 11.67 28.65
N ASP A 317 -5.74 12.02 29.83
CA ASP A 317 -4.94 11.87 31.02
C ASP A 317 -5.36 10.54 31.63
N PHE A 318 -4.44 9.60 31.75
CA PHE A 318 -4.76 8.26 32.29
C PHE A 318 -5.37 8.36 33.73
N THR A 319 -5.02 9.41 34.50
CA THR A 319 -5.55 9.62 35.86
C THR A 319 -6.95 10.23 35.86
N ASP A 320 -7.45 10.66 34.69
CA ASP A 320 -8.78 11.22 34.63
C ASP A 320 -9.39 10.93 33.23
N PRO A 321 -9.70 9.64 32.97
CA PRO A 321 -9.76 9.14 31.59
C PRO A 321 -11.11 9.22 30.87
N GLU A 322 -12.17 9.62 31.57
CA GLU A 322 -13.51 9.75 30.94
C GLU A 322 -13.43 10.70 29.74
N GLU A 323 -14.11 10.36 28.66
CA GLU A 323 -14.14 11.17 27.45
C GLU A 323 -14.48 12.65 27.71
N SER A 324 -15.45 12.92 28.56
CA SER A 324 -15.81 14.30 28.88
C SER A 324 -14.62 15.07 29.49
N LYS A 325 -13.60 14.36 29.97
CA LYS A 325 -12.43 15.09 30.51
C LYS A 325 -11.32 15.39 29.50
N TRP A 326 -11.35 14.71 28.36
CA TRP A 326 -10.30 14.87 27.34
C TRP A 326 -10.18 16.32 26.88
N LYS A 327 -8.96 16.75 26.57
CA LYS A 327 -8.74 18.10 26.08
C LYS A 327 -8.51 18.09 24.58
N VAL A 328 -9.09 19.04 23.86
CA VAL A 328 -8.84 19.12 22.46
C VAL A 328 -7.62 20.02 22.31
N LEU A 329 -6.50 19.45 21.88
CA LEU A 329 -5.25 20.22 21.79
C LEU A 329 -5.14 20.97 20.43
N VAL A 330 -5.40 20.25 19.33
CA VAL A 330 -5.44 20.85 17.99
C VAL A 330 -6.77 20.44 17.35
N PRO A 331 -7.75 21.37 17.31
CA PRO A 331 -9.05 20.97 16.80
C PRO A 331 -9.06 20.55 15.34
N GLU A 332 -10.11 19.79 14.98
CA GLU A 332 -10.31 19.30 13.61
C GLU A 332 -10.41 20.48 12.64
N HIS A 333 -9.77 20.38 11.49
CA HIS A 333 -9.99 21.35 10.41
C HIS A 333 -11.29 21.03 9.69
N GLU A 334 -11.98 22.08 9.24
CA GLU A 334 -13.23 21.93 8.56
C GLU A 334 -13.10 21.13 7.25
N LYS A 335 -11.97 21.23 6.57
CA LYS A 335 -11.79 20.49 5.31
C LYS A 335 -10.55 19.60 5.25
N ASP A 336 -9.43 20.12 5.77
CA ASP A 336 -8.14 19.43 5.61
C ASP A 336 -7.96 18.22 6.53
N VAL A 337 -7.46 17.13 5.95
CA VAL A 337 -7.19 15.93 6.72
C VAL A 337 -5.84 16.08 7.40
N LEU A 338 -5.81 15.90 8.73
CA LEU A 338 -4.58 15.77 9.46
C LEU A 338 -4.08 14.32 9.26
N GLU A 339 -3.09 14.14 8.42
CA GLU A 339 -2.56 12.83 8.04
C GLU A 339 -1.75 12.13 9.11
N TRP A 340 -0.75 12.81 9.65
CA TRP A 340 0.07 12.19 10.69
C TRP A 340 0.66 13.31 11.52
N VAL A 341 1.16 12.91 12.69
CA VAL A 341 1.70 13.86 13.69
C VAL A 341 2.94 13.22 14.32
N ALA A 342 4.02 13.98 14.47
CA ALA A 342 5.16 13.49 15.23
C ALA A 342 5.53 14.47 16.34
N CYS A 343 6.17 13.96 17.38
CA CYS A 343 6.68 14.79 18.45
C CYS A 343 8.18 14.78 18.36
N VAL A 344 8.78 15.97 18.41
CA VAL A 344 10.23 16.11 18.24
C VAL A 344 10.71 17.25 19.16
N ARG A 345 11.97 17.18 19.51
CA ARG A 345 12.61 18.17 20.40
C ARG A 345 11.85 18.47 21.68
N SER A 346 11.40 17.42 22.35
CA SER A 346 10.63 17.49 23.59
C SER A 346 9.22 18.00 23.40
N ASN A 347 9.10 19.24 22.91
CA ASN A 347 7.85 19.99 22.97
C ASN A 347 7.41 20.66 21.63
N PHE A 348 7.88 20.12 20.51
CA PHE A 348 7.29 20.43 19.21
C PHE A 348 6.43 19.28 18.69
N LEU A 349 5.37 19.64 17.98
CA LEU A 349 4.60 18.70 17.20
C LEU A 349 4.77 19.09 15.76
N VAL A 350 5.05 18.09 14.92
CA VAL A 350 5.12 18.27 13.46
C VAL A 350 3.80 17.74 12.88
N LEU A 351 3.00 18.60 12.27
CA LEU A 351 1.73 18.12 11.73
C LEU A 351 1.76 18.14 10.22
N CYS A 352 1.19 17.09 9.63
CA CYS A 352 1.15 16.99 8.19
C CYS A 352 -0.30 16.93 7.74
N TYR A 353 -0.72 17.93 6.98
CA TYR A 353 -2.09 18.00 6.50
C TYR A 353 -2.15 17.67 5.02
N LEU A 354 -3.32 17.18 4.61
CA LEU A 354 -3.68 16.93 3.21
C LEU A 354 -4.75 17.95 2.79
N HIS A 355 -4.35 18.91 1.98
CA HIS A 355 -5.19 20.02 1.51
C HIS A 355 -5.39 19.78 0.02
N ASP A 356 -6.62 19.43 -0.35
CA ASP A 356 -6.95 19.06 -1.73
C ASP A 356 -5.92 18.17 -2.36
N VAL A 357 -5.52 17.14 -1.61
CA VAL A 357 -4.66 16.08 -2.09
C VAL A 357 -3.19 16.53 -2.29
N LYS A 358 -2.77 17.60 -1.63
CA LYS A 358 -1.39 18.05 -1.55
C LYS A 358 -1.06 18.20 -0.07
N ASN A 359 0.18 17.87 0.30
CA ASN A 359 0.60 18.00 1.68
C ASN A 359 1.09 19.39 2.07
N THR A 360 0.82 19.74 3.33
CA THR A 360 1.46 20.87 3.96
C THR A 360 2.18 20.32 5.21
N LEU A 361 3.12 21.06 5.80
CA LEU A 361 3.85 20.58 6.97
C LEU A 361 3.97 21.76 7.90
N GLN A 362 3.68 21.60 9.17
CA GLN A 362 3.70 22.73 10.11
C GLN A 362 4.26 22.26 11.44
N LEU A 363 4.81 23.20 12.19
CA LEU A 363 5.35 22.95 13.51
C LEU A 363 4.39 23.56 14.52
N HIS A 364 3.99 22.79 15.52
CA HIS A 364 3.10 23.31 16.57
C HIS A 364 3.72 23.16 17.95
N ASP A 365 3.26 23.98 18.90
CA ASP A 365 3.70 23.89 20.30
C ASP A 365 2.95 22.72 20.97
N LEU A 366 3.67 21.81 21.63
CA LEU A 366 3.02 20.70 22.35
C LEU A 366 2.06 21.18 23.42
N ALA A 367 2.46 22.20 24.20
CA ALA A 367 1.69 22.59 25.38
C ALA A 367 0.32 23.13 25.01
N THR A 368 0.26 23.92 23.94
CA THR A 368 -0.96 24.63 23.61
C THR A 368 -1.59 24.18 22.31
N GLY A 369 -0.84 23.43 21.49
CA GLY A 369 -1.33 23.14 20.16
C GLY A 369 -1.16 24.28 19.16
N ALA A 370 -0.67 25.44 19.60
CA ALA A 370 -0.59 26.61 18.70
C ALA A 370 0.43 26.46 17.54
N LEU A 371 0.05 26.91 16.34
CA LEU A 371 0.95 26.90 15.17
C LEU A 371 2.17 27.81 15.42
N LEU A 372 3.38 27.31 15.15
CA LEU A 372 4.59 28.10 15.34
C LEU A 372 5.31 28.40 14.03
N LYS A 373 5.22 27.47 13.08
CA LYS A 373 5.99 27.55 11.85
C LYS A 373 5.34 26.73 10.72
N ILE A 374 5.39 27.28 9.52
CA ILE A 374 5.00 26.55 8.33
C ILE A 374 6.27 26.25 7.54
N PHE A 375 6.46 25.00 7.18
CA PHE A 375 7.53 24.68 6.24
C PHE A 375 6.95 24.77 4.81
N PRO A 376 7.54 25.63 3.96
CA PRO A 376 6.93 25.76 2.62
C PRO A 376 7.30 24.59 1.72
N LEU A 377 6.36 24.16 0.89
CA LEU A 377 6.54 23.04 -0.01
C LEU A 377 5.91 23.39 -1.34
N GLU A 378 6.42 22.82 -2.43
CA GLU A 378 5.72 22.86 -3.72
C GLU A 378 4.49 21.95 -3.64
N VAL A 379 3.73 21.83 -4.73
CA VAL A 379 2.60 20.92 -4.69
C VAL A 379 3.10 19.50 -4.88
N GLY A 380 2.76 18.64 -3.94
CA GLY A 380 3.22 17.25 -4.00
C GLY A 380 2.98 16.58 -2.66
N SER A 381 3.82 15.61 -2.30
CA SER A 381 3.60 14.80 -1.11
C SER A 381 4.80 14.85 -0.18
N VAL A 382 4.53 14.79 1.13
CA VAL A 382 5.57 14.42 2.05
C VAL A 382 5.57 12.89 2.16
N VAL A 383 6.71 12.24 1.97
CA VAL A 383 6.73 10.75 1.89
C VAL A 383 7.68 10.09 2.86
N GLY A 384 8.55 10.88 3.48
CA GLY A 384 9.48 10.36 4.49
C GLY A 384 9.57 11.46 5.54
N TYR A 385 9.78 11.05 6.78
CA TYR A 385 9.97 12.00 7.87
C TYR A 385 10.78 11.30 8.92
N SER A 386 11.66 12.02 9.59
CA SER A 386 12.17 11.48 10.84
C SER A 386 12.42 12.57 11.83
N GLY A 387 12.27 12.22 13.11
CA GLY A 387 12.46 13.14 14.23
C GLY A 387 11.60 12.66 15.38
N GLN A 388 12.22 12.04 16.38
CA GLN A 388 11.46 11.61 17.55
C GLN A 388 11.70 12.53 18.75
N LYS A 389 11.04 12.22 19.86
CA LYS A 389 10.91 13.13 20.97
C LYS A 389 12.27 13.68 21.42
N LYS A 390 13.28 12.81 21.44
CA LYS A 390 14.58 13.13 22.00
C LYS A 390 15.49 13.82 21.00
N ASP A 391 15.15 13.71 19.71
CA ASP A 391 15.92 14.31 18.62
C ASP A 391 15.79 15.83 18.58
N THR A 392 16.78 16.50 18.02
CA THR A 392 16.76 17.97 18.01
C THR A 392 16.76 18.48 16.59
N GLU A 393 16.45 17.55 15.67
CA GLU A 393 16.40 17.89 14.24
C GLU A 393 15.39 16.98 13.55
N ILE A 394 14.95 17.38 12.36
CA ILE A 394 14.11 16.54 11.55
C ILE A 394 14.63 16.42 10.12
N PHE A 395 14.30 15.31 9.46
CA PHE A 395 14.46 15.21 8.00
C PHE A 395 13.10 14.93 7.45
N TYR A 396 12.80 15.47 6.29
CA TYR A 396 11.56 15.10 5.58
C TYR A 396 11.78 15.17 4.07
N GLN A 397 10.98 14.40 3.35
CA GLN A 397 11.20 14.23 1.92
C GLN A 397 9.95 14.64 1.15
N PHE A 398 10.17 15.47 0.15
CA PHE A 398 9.10 15.90 -0.69
C PHE A 398 9.29 15.20 -2.01
N THR A 399 8.17 14.69 -2.54
CA THR A 399 8.11 14.16 -3.88
C THR A 399 6.89 14.74 -4.66
N SER A 400 6.95 14.63 -5.98
CA SER A 400 5.80 15.02 -6.81
C SER A 400 5.77 14.23 -8.11
N PHE A 401 4.86 14.60 -9.01
CA PHE A 401 4.76 13.95 -10.32
C PHE A 401 5.99 14.10 -11.22
N LEU A 402 6.66 15.25 -11.16
CA LEU A 402 7.65 15.61 -12.20
C LEU A 402 9.09 15.66 -11.70
N SER A 403 9.28 15.49 -10.40
CA SER A 403 10.62 15.46 -9.84
C SER A 403 10.76 14.36 -8.79
N PRO A 404 11.92 13.69 -8.76
CA PRO A 404 12.16 12.71 -7.70
C PRO A 404 12.11 13.37 -6.31
N GLY A 405 12.46 14.63 -6.24
CA GLY A 405 12.24 15.34 -5.00
C GLY A 405 13.46 15.61 -4.14
N ILE A 406 13.19 16.10 -2.94
CA ILE A 406 14.18 16.73 -2.13
C ILE A 406 14.07 16.21 -0.71
N ILE A 407 15.22 15.97 -0.08
CA ILE A 407 15.24 15.63 1.34
C ILE A 407 15.67 16.90 2.04
N TYR A 408 14.83 17.35 2.97
CA TYR A 408 15.11 18.55 3.74
C TYR A 408 15.64 18.16 5.12
N HIS A 409 16.42 19.05 5.73
CA HIS A 409 16.90 18.87 7.08
C HIS A 409 16.58 20.16 7.82
N CYS A 410 16.16 20.04 9.09
CA CYS A 410 15.98 21.22 9.93
C CYS A 410 16.50 21.01 11.34
N ASP A 411 17.49 21.83 11.70
CA ASP A 411 18.06 21.90 13.03
C ASP A 411 17.06 22.68 13.88
N LEU A 412 16.38 21.97 14.78
CA LEU A 412 15.37 22.60 15.65
C LEU A 412 15.98 23.26 16.92
N THR A 413 17.31 23.25 17.06
CA THR A 413 17.94 23.99 18.18
C THR A 413 18.10 25.48 17.86
N LYS A 414 17.99 25.83 16.58
CA LYS A 414 18.10 27.22 16.15
C LYS A 414 16.82 28.02 16.45
N GLU A 415 16.99 29.30 16.79
CA GLU A 415 15.89 30.21 17.04
C GLU A 415 15.04 30.38 15.79
N GLU A 416 15.70 30.58 14.66
CA GLU A 416 15.01 30.64 13.37
C GLU A 416 15.14 29.31 12.68
N LEU A 417 14.01 28.69 12.39
CA LEU A 417 13.96 27.35 11.83
C LEU A 417 14.00 27.43 10.31
N GLU A 418 15.18 27.27 9.74
CA GLU A 418 15.39 27.31 8.30
C GLU A 418 15.63 25.89 7.83
N PRO A 419 14.61 25.26 7.24
CA PRO A 419 14.86 23.95 6.63
C PRO A 419 15.75 24.14 5.42
N ARG A 420 16.74 23.26 5.26
CA ARG A 420 17.69 23.34 4.14
C ARG A 420 17.67 22.07 3.32
N VAL A 421 17.83 22.22 2.01
CA VAL A 421 18.03 21.06 1.13
C VAL A 421 19.21 20.22 1.64
N PHE A 422 18.91 18.96 1.97
CA PHE A 422 19.91 18.00 2.42
C PHE A 422 20.32 17.09 1.25
N ARG A 423 19.34 16.56 0.51
CA ARG A 423 19.63 15.79 -0.74
C ARG A 423 18.67 16.13 -1.84
N GLU A 424 19.20 16.25 -3.05
CA GLU A 424 18.40 16.52 -4.24
C GLU A 424 19.16 15.97 -5.43
N VAL A 425 18.51 15.13 -6.21
CA VAL A 425 19.15 14.55 -7.40
C VAL A 425 18.26 14.75 -8.62
N THR A 426 18.85 15.19 -9.73
CA THR A 426 18.07 15.41 -10.97
C THR A 426 18.07 14.18 -11.91
N VAL A 427 16.93 13.89 -12.55
CA VAL A 427 16.87 12.81 -13.55
C VAL A 427 16.96 13.38 -14.98
N LYS A 428 18.19 13.49 -15.47
CA LYS A 428 18.44 13.98 -16.83
C LYS A 428 17.87 13.00 -17.87
N GLY A 429 17.19 13.55 -18.86
CA GLY A 429 16.39 12.75 -19.78
C GLY A 429 14.95 13.21 -19.69
N ILE A 430 14.54 13.61 -18.48
CA ILE A 430 13.20 14.17 -18.29
C ILE A 430 13.29 15.58 -17.73
N ASP A 431 13.00 16.54 -18.61
CA ASP A 431 12.97 17.93 -18.25
C ASP A 431 11.56 18.23 -17.68
N ALA A 432 11.52 18.45 -16.37
CA ALA A 432 10.28 18.70 -15.66
C ALA A 432 9.47 19.85 -16.26
N SER A 433 10.17 20.85 -16.78
CA SER A 433 9.51 22.04 -17.27
C SER A 433 8.86 21.91 -18.64
N ASP A 434 8.95 20.74 -19.27
CA ASP A 434 8.22 20.50 -20.51
C ASP A 434 6.81 19.99 -20.21
N TYR A 435 6.54 19.68 -18.94
CA TYR A 435 5.27 19.05 -18.55
C TYR A 435 4.49 19.88 -17.58
N GLN A 436 3.18 19.68 -17.55
CA GLN A 436 2.41 20.30 -16.49
C GLN A 436 1.52 19.33 -15.78
N THR A 437 1.29 19.65 -14.52
CA THR A 437 0.30 18.99 -13.68
C THR A 437 -0.85 19.95 -13.51
N VAL A 438 -2.07 19.49 -13.76
CA VAL A 438 -3.25 20.28 -13.37
C VAL A 438 -4.16 19.47 -12.45
N GLN A 439 -4.89 20.17 -11.58
CA GLN A 439 -5.90 19.52 -10.79
C GLN A 439 -7.22 20.08 -11.20
N ILE A 440 -8.20 19.22 -11.44
CA ILE A 440 -9.54 19.68 -11.73
C ILE A 440 -10.47 18.90 -10.82
N PHE A 441 -11.73 19.32 -10.73
CA PHE A 441 -12.75 18.60 -9.96
C PHE A 441 -13.95 18.35 -10.86
N TYR A 442 -14.24 17.07 -11.13
CA TYR A 442 -15.32 16.72 -12.08
C TYR A 442 -16.55 16.19 -11.32
N PRO A 443 -17.79 16.48 -11.81
CA PRO A 443 -18.91 15.90 -11.07
C PRO A 443 -19.11 14.41 -11.36
N SER A 444 -19.34 13.66 -10.29
CA SER A 444 -19.62 12.27 -10.44
C SER A 444 -21.12 12.19 -10.72
N LYS A 445 -21.65 10.98 -10.91
CA LYS A 445 -23.05 10.81 -11.27
C LYS A 445 -24.07 11.39 -10.26
N ASP A 446 -23.79 11.31 -8.96
CA ASP A 446 -24.66 11.90 -7.93
C ASP A 446 -24.32 13.38 -7.68
N GLY A 447 -23.48 13.96 -8.52
CA GLY A 447 -23.13 15.38 -8.33
C GLY A 447 -21.90 15.67 -7.47
N THR A 448 -21.41 14.68 -6.71
CA THR A 448 -20.23 14.88 -5.87
C THR A 448 -19.02 15.26 -6.73
N LYS A 449 -18.31 16.35 -6.36
CA LYS A 449 -17.12 16.81 -7.09
C LYS A 449 -15.95 15.94 -6.69
N ILE A 450 -15.30 15.29 -7.65
CA ILE A 450 -14.14 14.41 -7.38
C ILE A 450 -12.85 15.06 -7.89
N PRO A 451 -11.76 15.09 -7.07
CA PRO A 451 -10.50 15.62 -7.58
C PRO A 451 -9.84 14.72 -8.62
N MET A 452 -9.15 15.31 -9.59
CA MET A 452 -8.34 14.50 -10.47
C MET A 452 -7.11 15.28 -10.85
N PHE A 453 -5.94 14.64 -10.74
CA PHE A 453 -4.68 15.17 -11.27
C PHE A 453 -4.45 14.74 -12.74
N ILE A 454 -4.11 15.67 -13.61
CA ILE A 454 -3.74 15.33 -14.97
C ILE A 454 -2.31 15.82 -15.26
N VAL A 455 -1.44 14.96 -15.78
CA VAL A 455 -0.05 15.28 -16.08
C VAL A 455 0.22 15.08 -17.58
N HIS A 456 0.71 16.11 -18.26
CA HIS A 456 0.79 16.07 -19.72
C HIS A 456 1.83 17.06 -20.27
N LYS A 457 2.28 16.80 -21.49
CA LYS A 457 3.19 17.73 -22.17
C LYS A 457 2.50 19.09 -22.34
N LYS A 458 3.25 20.16 -22.08
CA LYS A 458 2.75 21.53 -22.25
C LYS A 458 2.38 21.78 -23.70
N GLY A 459 1.32 22.56 -23.94
CA GLY A 459 0.96 22.97 -25.28
C GLY A 459 0.19 22.00 -26.16
N ILE A 460 -0.22 20.84 -25.62
CA ILE A 460 -0.97 19.86 -26.44
C ILE A 460 -2.38 20.34 -26.83
N LYS A 461 -2.85 19.90 -27.99
CA LYS A 461 -4.23 20.21 -28.40
C LYS A 461 -5.16 19.22 -27.74
N LEU A 462 -6.25 19.72 -27.18
CA LEU A 462 -7.27 18.85 -26.59
C LEU A 462 -8.25 18.34 -27.66
N ASP A 463 -7.73 17.48 -28.55
CA ASP A 463 -8.51 17.00 -29.72
C ASP A 463 -8.90 15.51 -29.62
N GLY A 464 -8.78 14.92 -28.42
CA GLY A 464 -9.10 13.50 -28.18
C GLY A 464 -8.10 12.47 -28.68
N SER A 465 -6.96 12.94 -29.18
CA SER A 465 -6.09 12.09 -29.97
C SER A 465 -4.98 11.39 -29.17
N HIS A 466 -4.80 11.80 -27.92
CA HIS A 466 -3.69 11.26 -27.09
C HIS A 466 -4.01 9.95 -26.39
N PRO A 467 -3.02 9.03 -26.30
CA PRO A 467 -3.27 7.86 -25.43
C PRO A 467 -3.33 8.38 -24.01
N ALA A 468 -4.13 7.76 -23.14
CA ALA A 468 -4.16 8.20 -21.75
C ALA A 468 -4.08 7.02 -20.80
N PHE A 469 -3.45 7.24 -19.66
CA PHE A 469 -3.30 6.22 -18.64
C PHE A 469 -3.96 6.79 -17.36
N LEU A 470 -5.10 6.22 -16.97
CA LEU A 470 -5.91 6.68 -15.84
C LEU A 470 -5.78 5.72 -14.68
N TYR A 471 -5.30 6.23 -13.55
CA TYR A 471 -5.06 5.41 -12.37
C TYR A 471 -6.05 5.71 -11.24
N GLY A 472 -6.41 4.67 -10.48
CA GLY A 472 -7.34 4.82 -9.37
C GLY A 472 -7.20 3.67 -8.39
N TYR A 473 -7.72 3.91 -7.18
CA TYR A 473 -7.77 2.88 -6.13
C TYR A 473 -9.17 2.84 -5.47
N GLY A 474 -9.44 3.80 -4.59
CA GLY A 474 -10.78 4.06 -4.09
C GLY A 474 -11.17 3.11 -2.97
N GLY A 475 -10.54 3.25 -1.81
CA GLY A 475 -10.80 2.26 -0.78
C GLY A 475 -9.91 2.44 0.42
N PHE A 476 -10.33 1.86 1.54
CA PHE A 476 -9.49 1.65 2.70
C PHE A 476 -8.89 2.93 3.30
N ASN A 477 -9.55 4.05 3.07
CA ASN A 477 -9.08 5.33 3.60
C ASN A 477 -7.68 5.70 3.11
N ILE A 478 -7.23 5.15 1.99
CA ILE A 478 -5.92 5.47 1.41
C ILE A 478 -6.05 6.68 0.44
N SER A 479 -5.29 7.75 0.71
CA SER A 479 -5.25 8.91 -0.20
C SER A 479 -4.20 8.70 -1.29
N ILE A 480 -4.58 8.93 -2.55
CA ILE A 480 -3.67 8.75 -3.69
C ILE A 480 -3.02 10.08 -4.07
N THR A 481 -1.78 10.27 -3.61
CA THR A 481 -1.15 11.58 -3.65
C THR A 481 -0.03 11.58 -4.67
N PRO A 482 0.42 12.77 -5.09
CA PRO A 482 1.43 12.86 -6.13
C PRO A 482 2.69 12.08 -5.74
N ASN A 483 3.23 11.32 -6.69
CA ASN A 483 4.47 10.56 -6.47
C ASN A 483 5.25 10.57 -7.76
N TYR A 484 6.55 10.34 -7.67
CA TYR A 484 7.39 10.37 -8.88
C TYR A 484 7.52 9.00 -9.50
N SER A 485 7.19 8.92 -10.80
CA SER A 485 7.21 7.65 -11.50
C SER A 485 7.87 7.84 -12.86
N VAL A 486 9.10 7.33 -12.97
CA VAL A 486 9.84 7.29 -14.22
C VAL A 486 9.01 6.56 -15.26
N SER A 487 8.40 5.44 -14.86
CA SER A 487 7.67 4.57 -15.78
C SER A 487 6.52 5.29 -16.44
N ARG A 488 5.70 6.00 -15.65
CA ARG A 488 4.61 6.81 -16.22
C ARG A 488 5.08 7.98 -17.07
N LEU A 489 6.20 8.62 -16.68
CA LEU A 489 6.80 9.68 -17.49
C LEU A 489 7.36 9.23 -18.87
N ILE A 490 7.80 7.98 -18.97
CA ILE A 490 8.19 7.42 -20.26
C ILE A 490 6.94 7.24 -21.17
N PHE A 491 5.82 6.85 -20.59
CA PHE A 491 4.55 6.79 -21.31
C PHE A 491 4.21 8.19 -21.87
N VAL A 492 4.41 9.23 -21.05
CA VAL A 492 4.15 10.60 -21.47
C VAL A 492 5.10 11.02 -22.59
N ARG A 493 6.40 10.96 -22.33
CA ARG A 493 7.39 11.56 -23.22
C ARG A 493 7.57 10.69 -24.45
N HIS A 494 7.65 9.38 -24.23
CA HIS A 494 8.05 8.49 -25.32
C HIS A 494 6.88 7.74 -25.98
N MET A 495 5.69 7.81 -25.39
CA MET A 495 4.50 7.23 -25.98
C MET A 495 3.43 8.29 -26.24
N GLY A 496 3.76 9.56 -25.95
CA GLY A 496 2.84 10.68 -26.18
C GLY A 496 1.60 10.68 -25.29
N GLY A 497 1.70 10.06 -24.11
CA GLY A 497 0.57 9.83 -23.23
C GLY A 497 0.22 10.99 -22.30
N VAL A 498 -1.05 10.99 -21.91
CA VAL A 498 -1.53 11.81 -20.84
C VAL A 498 -1.71 10.92 -19.61
N LEU A 499 -1.17 11.33 -18.47
CA LEU A 499 -1.37 10.58 -17.25
C LEU A 499 -2.50 11.24 -16.44
N ALA A 500 -3.33 10.42 -15.78
CA ALA A 500 -4.37 10.95 -14.88
C ALA A 500 -4.55 10.05 -13.67
N VAL A 501 -4.88 10.67 -12.54
CA VAL A 501 -5.07 10.01 -11.23
C VAL A 501 -6.36 10.53 -10.67
N ALA A 502 -7.33 9.64 -10.49
CA ALA A 502 -8.64 10.06 -10.02
C ALA A 502 -8.83 9.72 -8.53
N ASN A 503 -9.06 10.75 -7.73
CA ASN A 503 -9.22 10.64 -6.28
C ASN A 503 -10.62 10.26 -5.84
N ILE A 504 -11.07 9.11 -6.32
CA ILE A 504 -12.43 8.63 -6.14
C ILE A 504 -12.76 8.34 -4.65
N ARG A 505 -14.04 8.20 -4.33
CA ARG A 505 -14.46 7.86 -2.96
C ARG A 505 -14.01 6.47 -2.49
N GLY A 506 -13.97 6.30 -1.17
CA GLY A 506 -13.30 5.14 -0.59
C GLY A 506 -11.93 5.46 -0.03
N GLY A 507 -11.22 6.39 -0.68
CA GLY A 507 -9.91 6.87 -0.14
C GLY A 507 -10.06 7.80 1.05
N GLY A 508 -8.93 8.35 1.50
CA GLY A 508 -8.90 9.17 2.69
C GLY A 508 -8.78 10.66 2.41
N GLU A 509 -8.91 11.06 1.15
CA GLU A 509 -8.53 12.40 0.70
C GLU A 509 -9.33 13.49 1.42
N TYR A 510 -10.59 13.19 1.74
CA TYR A 510 -11.46 14.11 2.47
C TYR A 510 -12.00 13.46 3.73
N GLY A 511 -11.11 12.70 4.38
CA GLY A 511 -11.39 12.19 5.70
C GLY A 511 -12.37 11.03 5.67
N GLU A 512 -12.98 10.77 6.81
CA GLU A 512 -13.72 9.55 6.96
C GLU A 512 -15.01 9.57 6.14
N THR A 513 -15.57 10.74 5.86
CA THR A 513 -16.76 10.82 5.06
C THR A 513 -16.43 10.41 3.61
N TRP A 514 -15.20 10.68 3.15
CA TRP A 514 -14.79 10.26 1.82
C TRP A 514 -14.63 8.75 1.80
N HIS A 515 -14.09 8.20 2.90
CA HIS A 515 -13.90 6.77 3.04
C HIS A 515 -15.26 6.08 3.05
N LYS A 516 -16.16 6.53 3.92
CA LYS A 516 -17.49 5.92 3.97
C LYS A 516 -18.29 6.00 2.67
N GLY A 517 -17.99 7.01 1.84
CA GLY A 517 -18.74 7.22 0.60
C GLY A 517 -18.32 6.27 -0.51
N GLY A 518 -17.38 5.39 -0.19
CA GLY A 518 -16.93 4.40 -1.14
C GLY A 518 -16.73 3.00 -0.54
N ILE A 519 -17.56 2.61 0.42
CA ILE A 519 -17.49 1.28 1.02
C ILE A 519 -18.90 0.68 1.25
N LEU A 520 -18.94 -0.63 1.47
CA LEU A 520 -20.13 -1.30 1.97
C LEU A 520 -21.24 -1.11 0.95
N ALA A 521 -22.43 -0.65 1.35
CA ALA A 521 -23.52 -0.36 0.35
C ALA A 521 -23.13 0.59 -0.79
N ASN A 522 -22.13 1.43 -0.55
CA ASN A 522 -21.85 2.53 -1.47
C ASN A 522 -20.63 2.29 -2.32
N LYS A 523 -20.14 1.04 -2.28
CA LYS A 523 -18.93 0.68 -3.04
C LYS A 523 -19.14 1.03 -4.50
N GLN A 524 -20.38 1.00 -4.98
CA GLN A 524 -20.61 1.31 -6.38
C GLN A 524 -20.20 2.76 -6.70
N ASN A 525 -20.18 3.65 -5.69
CA ASN A 525 -19.70 5.03 -5.91
C ASN A 525 -18.27 5.08 -6.47
N CYS A 526 -17.43 4.14 -6.03
CA CYS A 526 -16.06 4.05 -6.52
C CYS A 526 -16.04 3.86 -8.03
N PHE A 527 -16.80 2.87 -8.51
CA PHE A 527 -16.84 2.58 -9.93
C PHE A 527 -17.50 3.72 -10.71
N ASP A 528 -18.56 4.30 -10.14
CA ASP A 528 -19.21 5.45 -10.76
C ASP A 528 -18.23 6.61 -10.90
N ASP A 529 -17.53 6.95 -9.80
CA ASP A 529 -16.52 8.02 -9.80
C ASP A 529 -15.47 7.81 -10.91
N PHE A 530 -14.93 6.60 -10.98
CA PHE A 530 -13.85 6.28 -11.90
C PHE A 530 -14.33 6.28 -13.36
N GLN A 531 -15.52 5.75 -13.61
CA GLN A 531 -16.13 5.88 -14.95
C GLN A 531 -16.32 7.34 -15.38
N CYS A 532 -16.79 8.17 -14.45
CA CYS A 532 -17.01 9.57 -14.70
C CYS A 532 -15.71 10.33 -14.95
N ALA A 533 -14.62 9.89 -14.34
CA ALA A 533 -13.28 10.39 -14.65
C ALA A 533 -12.87 10.12 -16.09
N ALA A 534 -13.00 8.87 -16.54
CA ALA A 534 -12.74 8.52 -17.95
C ALA A 534 -13.57 9.41 -18.91
N GLU A 535 -14.87 9.53 -18.64
CA GLU A 535 -15.78 10.38 -19.42
C GLU A 535 -15.35 11.85 -19.43
N TYR A 536 -14.91 12.38 -18.28
CA TYR A 536 -14.31 13.70 -18.24
C TYR A 536 -13.13 13.84 -19.21
N LEU A 537 -12.16 12.96 -19.08
CA LEU A 537 -11.00 12.93 -19.97
C LEU A 537 -11.40 12.91 -21.47
N ILE A 538 -12.33 12.03 -21.82
CA ILE A 538 -12.87 11.95 -23.20
C ILE A 538 -13.58 13.25 -23.59
N LYS A 539 -14.51 13.72 -22.76
CA LYS A 539 -15.29 14.87 -23.13
C LYS A 539 -14.44 16.14 -23.28
N GLU A 540 -13.40 16.27 -22.46
CA GLU A 540 -12.56 17.47 -22.49
C GLU A 540 -11.45 17.38 -23.53
N GLY A 541 -11.37 16.27 -24.25
CA GLY A 541 -10.44 16.15 -25.37
C GLY A 541 -9.05 15.64 -25.03
N TYR A 542 -8.85 15.15 -23.81
CA TYR A 542 -7.54 14.60 -23.47
C TYR A 542 -7.27 13.26 -24.13
N THR A 543 -8.31 12.47 -24.33
CA THR A 543 -8.15 11.12 -24.88
C THR A 543 -9.46 10.67 -25.55
N SER A 544 -9.50 9.42 -26.01
CA SER A 544 -10.70 8.81 -26.55
C SER A 544 -10.77 7.41 -26.02
N PRO A 545 -11.99 6.82 -25.97
CA PRO A 545 -12.16 5.49 -25.37
C PRO A 545 -11.15 4.49 -25.92
N LYS A 546 -10.86 4.54 -27.22
CA LYS A 546 -10.04 3.50 -27.82
C LYS A 546 -8.57 3.68 -27.43
N ARG A 547 -8.18 4.89 -27.03
CA ARG A 547 -6.82 5.15 -26.61
C ARG A 547 -6.64 5.24 -25.09
N LEU A 548 -7.70 4.97 -24.32
CA LEU A 548 -7.63 5.10 -22.88
C LEU A 548 -7.25 3.75 -22.24
N THR A 549 -6.26 3.82 -21.37
CA THR A 549 -5.93 2.69 -20.52
C THR A 549 -6.27 3.03 -19.09
N ILE A 550 -6.86 2.06 -18.39
CA ILE A 550 -7.02 2.15 -16.94
C ILE A 550 -6.19 1.11 -16.21
N ASN A 551 -5.69 1.51 -15.05
CA ASN A 551 -4.80 0.72 -14.21
C ASN A 551 -5.17 0.90 -12.72
N GLY A 552 -5.05 -0.17 -11.94
CA GLY A 552 -5.08 -0.07 -10.49
C GLY A 552 -4.57 -1.38 -9.93
N GLY A 553 -4.20 -1.39 -8.63
CA GLY A 553 -3.64 -2.58 -7.97
C GLY A 553 -4.39 -2.94 -6.71
N SER A 554 -4.60 -4.26 -6.51
CA SER A 554 -5.22 -4.82 -5.30
C SER A 554 -6.66 -4.32 -5.24
N ASN A 555 -7.01 -3.45 -4.29
CA ASN A 555 -8.34 -2.81 -4.31
C ASN A 555 -8.54 -2.02 -5.61
N GLY A 556 -7.45 -1.51 -6.19
CA GLY A 556 -7.53 -0.84 -7.50
C GLY A 556 -7.64 -1.81 -8.66
N GLY A 557 -7.21 -3.04 -8.44
CA GLY A 557 -7.40 -4.12 -9.41
C GLY A 557 -8.87 -4.45 -9.53
N LEU A 558 -9.54 -4.55 -8.37
CA LEU A 558 -11.01 -4.68 -8.34
C LEU A 558 -11.67 -3.52 -9.11
N LEU A 559 -11.22 -2.29 -8.80
CA LEU A 559 -11.75 -1.11 -9.45
C LEU A 559 -11.78 -1.29 -10.99
N VAL A 560 -10.63 -1.57 -11.59
CA VAL A 560 -10.51 -1.57 -13.05
C VAL A 560 -11.21 -2.79 -13.70
N ALA A 561 -11.21 -3.94 -13.01
CA ALA A 561 -11.93 -5.14 -13.49
C ALA A 561 -13.44 -4.90 -13.47
N THR A 562 -13.94 -4.35 -12.37
CA THR A 562 -15.35 -3.95 -12.34
C THR A 562 -15.68 -2.97 -13.47
N CYS A 563 -14.86 -1.94 -13.69
CA CYS A 563 -15.18 -0.96 -14.79
C CYS A 563 -15.18 -1.57 -16.19
N ALA A 564 -14.31 -2.53 -16.42
CA ALA A 564 -14.35 -3.32 -17.66
C ALA A 564 -15.71 -4.04 -17.87
N ASN A 565 -16.20 -4.72 -16.84
CA ASN A 565 -17.51 -5.35 -16.95
C ASN A 565 -18.60 -4.34 -17.14
N GLN A 566 -18.54 -3.26 -16.37
CA GLN A 566 -19.66 -2.30 -16.35
C GLN A 566 -19.69 -1.42 -17.57
N ARG A 567 -18.52 -0.92 -18.00
CA ARG A 567 -18.48 -0.01 -19.15
C ARG A 567 -17.39 -0.42 -20.15
N PRO A 568 -17.55 -1.62 -20.79
CA PRO A 568 -16.49 -2.09 -21.69
C PRO A 568 -16.25 -1.12 -22.86
N ASP A 569 -17.25 -0.33 -23.22
CA ASP A 569 -17.17 0.69 -24.31
C ASP A 569 -16.33 1.91 -23.95
N LEU A 570 -16.03 2.12 -22.67
CA LEU A 570 -15.32 3.32 -22.24
C LEU A 570 -13.78 3.22 -22.30
N PHE A 571 -13.25 2.00 -22.39
CA PHE A 571 -11.81 1.75 -22.27
C PHE A 571 -11.27 0.92 -23.42
N GLY A 572 -10.02 1.20 -23.80
CA GLY A 572 -9.35 0.42 -24.84
C GLY A 572 -8.48 -0.68 -24.24
N CYS A 573 -7.97 -0.44 -23.03
CA CYS A 573 -7.03 -1.36 -22.44
C CYS A 573 -7.19 -1.30 -20.91
N VAL A 574 -7.07 -2.44 -20.26
CA VAL A 574 -7.23 -2.52 -18.81
C VAL A 574 -6.08 -3.40 -18.25
N ILE A 575 -5.33 -2.84 -17.32
CA ILE A 575 -4.29 -3.62 -16.63
C ILE A 575 -4.65 -3.65 -15.15
N ALA A 576 -5.01 -4.83 -14.68
CA ALA A 576 -5.41 -5.02 -13.29
C ALA A 576 -4.32 -5.83 -12.58
N GLN A 577 -3.70 -5.19 -11.60
CA GLN A 577 -2.63 -5.80 -10.82
C GLN A 577 -3.18 -6.36 -9.51
N VAL A 578 -2.78 -7.61 -9.23
CA VAL A 578 -3.04 -8.28 -7.94
C VAL A 578 -4.45 -7.97 -7.39
N GLY A 579 -5.46 -8.11 -8.25
CA GLY A 579 -6.78 -7.60 -7.94
C GLY A 579 -7.64 -8.58 -7.16
N VAL A 580 -8.50 -8.08 -6.29
CA VAL A 580 -9.51 -8.90 -5.63
C VAL A 580 -10.68 -9.11 -6.61
N MET A 581 -10.82 -10.32 -7.14
CA MET A 581 -11.82 -10.53 -8.19
C MET A 581 -13.02 -11.35 -7.76
N ASP A 582 -12.82 -12.30 -6.86
CA ASP A 582 -13.91 -13.07 -6.26
C ASP A 582 -14.40 -12.39 -4.95
N MET A 583 -15.43 -11.55 -5.04
CA MET A 583 -15.91 -10.81 -3.88
C MET A 583 -16.79 -11.67 -2.96
N LEU A 584 -17.15 -12.88 -3.40
CA LEU A 584 -17.97 -13.78 -2.58
C LEU A 584 -17.13 -14.65 -1.70
N LYS A 585 -15.85 -14.84 -2.08
CA LYS A 585 -14.95 -15.73 -1.33
C LYS A 585 -13.66 -15.05 -0.77
N PHE A 586 -13.38 -13.79 -1.11
CA PHE A 586 -12.14 -13.12 -0.64
C PHE A 586 -11.84 -13.33 0.85
N HIS A 587 -12.87 -13.40 1.70
CA HIS A 587 -12.68 -13.41 3.16
C HIS A 587 -12.15 -14.77 3.65
N LYS A 588 -12.16 -15.77 2.79
CA LYS A 588 -11.77 -17.13 3.19
C LYS A 588 -10.27 -17.29 3.32
N TYR A 589 -9.51 -16.46 2.63
CA TYR A 589 -8.08 -16.69 2.41
C TYR A 589 -7.18 -15.71 3.14
N THR A 590 -6.03 -16.22 3.57
CA THR A 590 -4.98 -15.46 4.33
C THR A 590 -5.58 -14.34 5.18
N ILE A 591 -5.36 -13.09 4.80
CA ILE A 591 -5.75 -11.94 5.62
C ILE A 591 -7.03 -11.27 5.04
N GLY A 592 -7.67 -11.96 4.09
CA GLY A 592 -8.88 -11.45 3.42
C GLY A 592 -9.98 -11.08 4.39
N HIS A 593 -10.03 -11.75 5.52
CA HIS A 593 -11.07 -11.47 6.51
C HIS A 593 -10.97 -10.04 7.04
N ALA A 594 -9.79 -9.42 6.95
CA ALA A 594 -9.63 -8.04 7.42
C ALA A 594 -10.29 -7.02 6.49
N TRP A 595 -10.65 -7.39 5.26
CA TRP A 595 -11.18 -6.41 4.27
C TRP A 595 -12.70 -6.20 4.32
N THR A 596 -13.39 -7.02 5.11
CA THR A 596 -14.86 -6.95 5.22
C THR A 596 -15.32 -5.58 5.73
N THR A 597 -14.46 -4.85 6.41
CA THR A 597 -14.83 -3.54 6.93
C THR A 597 -15.05 -2.54 5.79
N ASP A 598 -14.38 -2.74 4.66
CA ASP A 598 -14.63 -1.98 3.44
C ASP A 598 -15.66 -2.65 2.53
N TYR A 599 -15.66 -3.99 2.45
CA TYR A 599 -16.45 -4.65 1.40
C TYR A 599 -17.79 -5.27 1.84
N GLY A 600 -17.90 -5.59 3.14
CA GLY A 600 -18.95 -6.49 3.64
C GLY A 600 -18.50 -7.94 3.52
N CYS A 601 -19.39 -8.89 3.89
CA CYS A 601 -19.08 -10.32 3.73
C CYS A 601 -20.29 -11.12 3.19
N SER A 602 -20.04 -11.99 2.20
CA SER A 602 -21.12 -12.73 1.53
C SER A 602 -22.01 -13.63 2.45
N ASP A 603 -21.55 -13.88 3.69
CA ASP A 603 -22.34 -14.61 4.69
C ASP A 603 -23.58 -13.86 5.13
N SER A 604 -23.53 -12.52 5.00
CA SER A 604 -24.68 -11.67 5.27
C SER A 604 -25.57 -11.47 4.03
N LYS A 605 -26.89 -11.65 4.17
CA LYS A 605 -27.76 -11.49 3.00
C LYS A 605 -27.71 -10.07 2.43
N GLN A 606 -27.83 -9.06 3.30
CA GLN A 606 -27.65 -7.66 2.88
C GLN A 606 -26.34 -7.45 2.08
N HIS A 607 -25.24 -8.00 2.57
CA HIS A 607 -23.93 -7.68 1.97
C HIS A 607 -23.78 -8.38 0.64
N PHE A 608 -24.20 -9.64 0.62
CA PHE A 608 -24.28 -10.44 -0.60
C PHE A 608 -24.93 -9.65 -1.71
N GLU A 609 -26.09 -9.02 -1.42
CA GLU A 609 -26.78 -8.19 -2.45
C GLU A 609 -25.96 -7.01 -2.99
N TRP A 610 -25.08 -6.43 -2.19
CA TRP A 610 -24.20 -5.42 -2.75
C TRP A 610 -23.14 -6.09 -3.60
N LEU A 611 -22.55 -7.17 -3.05
CA LEU A 611 -21.33 -7.77 -3.64
C LEU A 611 -21.57 -8.39 -4.99
N ILE A 612 -22.70 -9.08 -5.13
CA ILE A 612 -23.01 -9.87 -6.31
C ILE A 612 -23.12 -8.94 -7.49
N LYS A 613 -23.47 -7.67 -7.24
CA LYS A 613 -23.68 -6.72 -8.31
C LYS A 613 -22.38 -6.24 -8.96
N TYR A 614 -21.28 -6.24 -8.21
CA TYR A 614 -20.07 -5.73 -8.82
C TYR A 614 -18.91 -6.72 -8.84
N SER A 615 -19.02 -7.81 -8.11
CA SER A 615 -17.97 -8.82 -8.10
C SER A 615 -17.49 -9.09 -9.53
N PRO A 616 -16.21 -8.76 -9.81
CA PRO A 616 -15.76 -8.90 -11.22
C PRO A 616 -15.96 -10.34 -11.73
N LEU A 617 -15.64 -11.33 -10.91
CA LEU A 617 -15.78 -12.74 -11.26
C LEU A 617 -17.20 -13.15 -11.65
N HIS A 618 -18.20 -12.44 -11.12
CA HIS A 618 -19.60 -12.81 -11.26
C HIS A 618 -20.37 -11.91 -12.17
N ASN A 619 -19.67 -11.04 -12.88
CA ASN A 619 -20.31 -10.08 -13.79
C ASN A 619 -19.64 -9.99 -15.16
N VAL A 620 -18.97 -11.07 -15.56
CA VAL A 620 -18.43 -11.15 -16.91
C VAL A 620 -19.57 -11.51 -17.83
N LYS A 621 -19.78 -10.68 -18.86
CA LYS A 621 -20.94 -10.82 -19.72
C LYS A 621 -20.66 -10.19 -21.07
N LEU A 622 -20.98 -10.92 -22.13
CA LEU A 622 -20.91 -10.35 -23.47
C LEU A 622 -21.72 -9.06 -23.57
N PRO A 623 -21.11 -7.97 -24.07
CA PRO A 623 -21.87 -6.74 -24.30
C PRO A 623 -22.96 -6.98 -25.36
N GLU A 624 -24.14 -6.43 -25.09
CA GLU A 624 -25.29 -6.63 -25.95
C GLU A 624 -25.08 -6.09 -27.38
N ALA A 625 -24.48 -4.92 -27.52
CA ALA A 625 -24.36 -4.35 -28.86
C ALA A 625 -23.28 -5.04 -29.69
N ASP A 626 -23.63 -5.40 -30.93
CA ASP A 626 -22.68 -5.99 -31.90
C ASP A 626 -21.36 -5.24 -32.09
N ASP A 627 -21.37 -3.92 -31.90
CA ASP A 627 -20.16 -3.13 -32.17
C ASP A 627 -19.30 -2.93 -30.89
N ILE A 628 -19.68 -3.57 -29.79
CA ILE A 628 -18.97 -3.42 -28.54
C ILE A 628 -18.39 -4.74 -28.08
N GLN A 629 -17.11 -4.70 -27.71
CA GLN A 629 -16.42 -5.88 -27.21
C GLN A 629 -15.75 -5.48 -25.91
N TYR A 630 -15.13 -6.44 -25.21
CA TYR A 630 -14.36 -6.13 -24.02
C TYR A 630 -13.04 -5.45 -24.44
N PRO A 631 -12.54 -4.52 -23.62
CA PRO A 631 -11.20 -3.96 -23.82
C PRO A 631 -10.18 -5.06 -23.75
N SER A 632 -8.97 -4.76 -24.23
CA SER A 632 -7.83 -5.62 -24.03
C SER A 632 -7.57 -5.61 -22.54
N MET A 633 -7.36 -6.79 -21.97
CA MET A 633 -7.13 -6.87 -20.54
C MET A 633 -5.89 -7.66 -20.19
N LEU A 634 -5.11 -7.11 -19.25
CA LEU A 634 -3.94 -7.83 -18.74
C LEU A 634 -4.04 -7.88 -17.24
N LEU A 635 -4.06 -9.09 -16.70
CA LEU A 635 -4.05 -9.32 -15.24
C LEU A 635 -2.61 -9.71 -14.85
N LEU A 636 -2.06 -9.01 -13.85
CA LEU A 636 -0.74 -9.34 -13.33
C LEU A 636 -0.85 -9.81 -11.91
N THR A 637 -0.27 -10.96 -11.62
CA THR A 637 -0.24 -11.51 -10.29
C THR A 637 1.05 -12.33 -10.15
N ALA A 638 1.22 -13.01 -9.01
CA ALA A 638 2.44 -13.78 -8.75
C ALA A 638 2.16 -14.91 -7.76
N ASP A 639 3.04 -15.92 -7.78
CA ASP A 639 2.72 -17.16 -7.09
C ASP A 639 2.90 -17.05 -5.58
N HIS A 640 3.59 -16.00 -5.11
CA HIS A 640 3.69 -15.79 -3.66
C HIS A 640 2.88 -14.54 -3.20
N ASP A 641 1.89 -14.14 -3.99
CA ASP A 641 0.99 -13.10 -3.50
C ASP A 641 0.06 -13.65 -2.43
N ASP A 642 0.52 -13.71 -1.18
CA ASP A 642 -0.38 -14.11 -0.07
C ASP A 642 -1.22 -12.95 0.50
N ARG A 643 -1.08 -11.75 -0.07
CA ARG A 643 -1.99 -10.64 0.30
C ARG A 643 -3.32 -10.84 -0.43
N VAL A 644 -3.26 -10.86 -1.77
CA VAL A 644 -4.44 -11.21 -2.57
C VAL A 644 -4.11 -12.51 -3.32
N VAL A 645 -4.59 -13.60 -2.75
CA VAL A 645 -4.28 -14.93 -3.31
C VAL A 645 -4.55 -14.98 -4.81
N PRO A 646 -3.59 -15.55 -5.59
CA PRO A 646 -3.65 -15.36 -7.05
C PRO A 646 -4.84 -16.07 -7.72
N LEU A 647 -5.48 -16.97 -6.97
CA LEU A 647 -6.74 -17.60 -7.39
C LEU A 647 -7.79 -16.58 -7.87
N HIS A 648 -7.73 -15.35 -7.35
CA HIS A 648 -8.64 -14.29 -7.80
C HIS A 648 -8.46 -14.04 -9.30
N SER A 649 -7.22 -13.78 -9.69
CA SER A 649 -6.92 -13.57 -11.11
C SER A 649 -7.09 -14.83 -11.96
N LEU A 650 -6.67 -15.99 -11.44
CA LEU A 650 -6.79 -17.26 -12.19
C LEU A 650 -8.27 -17.50 -12.55
N LYS A 651 -9.14 -17.50 -11.55
CA LYS A 651 -10.54 -17.72 -11.82
C LYS A 651 -11.11 -16.65 -12.76
N PHE A 652 -10.77 -15.37 -12.50
CA PHE A 652 -11.22 -14.26 -13.34
C PHE A 652 -10.80 -14.42 -14.82
N ILE A 653 -9.52 -14.78 -15.05
CA ILE A 653 -9.08 -14.90 -16.44
C ILE A 653 -9.73 -16.11 -17.11
N ALA A 654 -9.97 -17.19 -16.35
CA ALA A 654 -10.61 -18.37 -16.96
C ALA A 654 -12.00 -17.97 -17.44
N THR A 655 -12.68 -17.19 -16.64
CA THR A 655 -14.03 -16.73 -16.93
C THR A 655 -14.07 -15.79 -18.16
N LEU A 656 -13.13 -14.85 -18.20
CA LEU A 656 -13.05 -13.89 -19.32
C LEU A 656 -12.80 -14.65 -20.63
N GLN A 657 -11.90 -15.62 -20.58
CA GLN A 657 -11.50 -16.32 -21.80
C GLN A 657 -12.63 -17.20 -22.31
N TYR A 658 -13.37 -17.82 -21.40
CA TYR A 658 -14.53 -18.60 -21.80
C TYR A 658 -15.75 -17.75 -22.23
N ILE A 659 -16.22 -16.82 -21.39
CA ILE A 659 -17.45 -16.09 -21.70
C ILE A 659 -17.21 -15.08 -22.85
N VAL A 660 -16.09 -14.36 -22.83
CA VAL A 660 -15.85 -13.26 -23.79
C VAL A 660 -14.83 -13.65 -24.90
N GLY A 661 -13.73 -14.27 -24.50
CA GLY A 661 -12.72 -14.71 -25.42
C GLY A 661 -13.22 -15.57 -26.55
N ARG A 662 -14.17 -16.47 -26.30
CA ARG A 662 -14.71 -17.33 -27.34
C ARG A 662 -15.67 -16.65 -28.33
N SER A 663 -16.16 -15.43 -28.07
CA SER A 663 -17.10 -14.79 -29.02
C SER A 663 -16.32 -14.36 -30.25
N ARG A 664 -16.94 -14.46 -31.43
CA ARG A 664 -16.26 -14.05 -32.66
C ARG A 664 -15.92 -12.55 -32.74
N LYS A 665 -16.72 -11.70 -32.08
CA LYS A 665 -16.46 -10.24 -32.10
C LYS A 665 -15.34 -9.80 -31.17
N GLN A 666 -14.84 -10.70 -30.34
CA GLN A 666 -13.74 -10.39 -29.41
C GLN A 666 -12.40 -10.63 -30.12
N ASN A 667 -11.79 -9.51 -30.55
CA ASN A 667 -10.45 -9.51 -31.08
C ASN A 667 -9.40 -8.98 -30.09
N ASN A 668 -9.82 -8.20 -29.08
CA ASN A 668 -8.89 -7.77 -28.01
C ASN A 668 -8.47 -8.94 -27.09
N PRO A 669 -7.15 -9.04 -26.80
CA PRO A 669 -6.65 -10.13 -25.98
C PRO A 669 -7.04 -9.99 -24.51
N LEU A 670 -7.23 -11.13 -23.83
CA LEU A 670 -7.52 -11.20 -22.42
C LEU A 670 -6.50 -12.15 -21.84
N LEU A 671 -5.55 -11.59 -21.10
CA LEU A 671 -4.33 -12.32 -20.73
C LEU A 671 -4.03 -12.15 -19.28
N ILE A 672 -3.31 -13.12 -18.72
CA ILE A 672 -2.80 -13.07 -17.36
C ILE A 672 -1.32 -13.38 -17.42
N HIS A 673 -0.57 -12.75 -16.52
CA HIS A 673 0.78 -13.17 -16.32
C HIS A 673 0.96 -13.44 -14.84
N VAL A 674 1.45 -14.63 -14.53
CA VAL A 674 1.74 -15.01 -13.14
C VAL A 674 3.26 -15.05 -12.97
N ASP A 675 3.84 -14.07 -12.28
CA ASP A 675 5.30 -14.08 -12.03
C ASP A 675 5.67 -15.14 -10.97
N THR A 676 6.94 -15.56 -10.94
CA THR A 676 7.47 -16.47 -9.91
C THR A 676 8.39 -15.73 -8.93
N LYS A 677 8.57 -16.28 -7.73
CA LYS A 677 9.37 -15.68 -6.67
C LYS A 677 9.01 -14.21 -6.41
N ALA A 678 7.71 -13.92 -6.44
CA ALA A 678 7.20 -12.57 -6.30
C ALA A 678 5.82 -12.64 -5.65
N GLY A 679 5.38 -11.56 -5.04
CA GLY A 679 4.13 -11.53 -4.34
C GLY A 679 3.36 -10.24 -4.62
N HIS A 680 2.79 -9.65 -3.56
CA HIS A 680 1.83 -8.59 -3.75
C HIS A 680 2.44 -7.36 -4.42
N GLY A 681 3.70 -7.13 -4.09
CA GLY A 681 4.43 -6.00 -4.64
C GLY A 681 5.49 -5.41 -3.74
N ALA A 682 5.25 -5.34 -2.43
CA ALA A 682 6.22 -4.77 -1.49
C ALA A 682 7.54 -5.51 -1.58
N GLY A 683 8.67 -4.80 -1.61
CA GLY A 683 9.98 -5.47 -1.64
C GLY A 683 10.39 -6.09 -2.98
N LYS A 684 9.58 -5.89 -4.04
CA LYS A 684 9.93 -6.34 -5.40
C LYS A 684 11.29 -5.75 -5.79
N PRO A 685 12.21 -6.62 -6.23
CA PRO A 685 13.55 -6.18 -6.72
C PRO A 685 13.46 -5.31 -7.97
N THR A 686 14.33 -4.31 -8.06
CA THR A 686 14.44 -3.46 -9.27
C THR A 686 14.32 -4.24 -10.60
N ALA A 687 15.05 -5.35 -10.71
CA ALA A 687 15.05 -6.10 -11.96
C ALA A 687 13.59 -6.47 -12.33
N LYS A 688 12.83 -6.97 -11.35
CA LYS A 688 11.43 -7.30 -11.60
C LYS A 688 10.58 -6.05 -11.85
N VAL A 689 10.87 -4.98 -11.12
CA VAL A 689 10.07 -3.77 -11.28
C VAL A 689 10.20 -3.32 -12.74
N ILE A 690 11.39 -3.43 -13.32
CA ILE A 690 11.64 -2.98 -14.66
C ILE A 690 10.94 -3.91 -15.68
N GLU A 691 11.08 -5.23 -15.48
CA GLU A 691 10.38 -6.21 -16.29
C GLU A 691 8.89 -5.89 -16.29
N GLU A 692 8.34 -5.65 -15.11
CA GLU A 692 6.90 -5.41 -14.97
C GLU A 692 6.39 -4.19 -15.76
N VAL A 693 7.01 -3.03 -15.58
CA VAL A 693 6.54 -1.83 -16.30
C VAL A 693 6.76 -1.97 -17.82
N SER A 694 7.80 -2.70 -18.19
CA SER A 694 8.06 -3.01 -19.61
C SER A 694 6.92 -3.86 -20.18
N ASP A 695 6.51 -4.89 -19.44
CA ASP A 695 5.36 -5.66 -19.84
C ASP A 695 4.12 -4.78 -19.98
N MET A 696 3.85 -3.96 -18.97
CA MET A 696 2.60 -3.15 -18.99
C MET A 696 2.52 -2.21 -20.19
N PHE A 697 3.58 -1.42 -20.43
CA PHE A 697 3.52 -0.40 -21.46
C PHE A 697 3.66 -0.98 -22.87
N ALA A 698 4.31 -2.15 -22.96
CA ALA A 698 4.36 -2.90 -24.21
C ALA A 698 2.98 -3.47 -24.52
N PHE A 699 2.27 -3.96 -23.51
CA PHE A 699 0.91 -4.42 -23.71
C PHE A 699 0.05 -3.27 -24.27
N ILE A 700 0.15 -2.12 -23.60
CA ILE A 700 -0.58 -0.93 -24.02
C ILE A 700 -0.21 -0.53 -25.45
N ALA A 701 1.08 -0.41 -25.75
CA ALA A 701 1.52 0.03 -27.08
C ALA A 701 1.01 -0.92 -28.15
N ARG A 702 1.08 -2.21 -27.87
CA ARG A 702 0.68 -3.15 -28.88
C ARG A 702 -0.85 -3.21 -29.11
N CYS A 703 -1.64 -3.24 -28.03
CA CYS A 703 -3.12 -3.22 -28.16
C CYS A 703 -3.69 -1.92 -28.80
N LEU A 704 -3.07 -0.77 -28.53
CA LEU A 704 -3.51 0.52 -29.05
C LEU A 704 -2.69 0.98 -30.26
N ASN A 705 -1.70 0.18 -30.65
CA ASN A 705 -0.89 0.46 -31.86
C ASN A 705 -0.26 1.86 -31.78
N ILE A 706 0.42 2.10 -30.66
CA ILE A 706 1.14 3.34 -30.43
C ILE A 706 2.59 3.19 -30.90
N ASP A 707 3.04 4.11 -31.77
CA ASP A 707 4.46 4.23 -32.14
C ASP A 707 5.25 4.81 -30.97
N TRP A 708 6.46 4.28 -30.79
CA TRP A 708 7.49 4.87 -29.90
C TRP A 708 7.89 6.26 -30.40
N ILE A 709 8.02 7.22 -29.50
CA ILE A 709 8.53 8.51 -29.89
C ILE A 709 9.91 8.68 -29.25
N PRO A 710 10.99 8.67 -30.09
CA PRO A 710 12.35 8.60 -29.56
C PRO A 710 12.75 9.87 -28.84
C17 2P6 B . -3.34 -5.10 5.52
C18 2P6 B . -3.27 -6.50 6.13
C19 2P6 B . -2.78 -6.51 7.57
C20 2P6 B . -3.66 -5.75 8.54
C21 2P6 B . -5.02 -6.05 8.68
C25 2P6 B . -3.09 -4.76 9.34
C22 2P6 B . -5.80 -5.36 9.62
C24 2P6 B . -3.88 -4.05 10.27
C23 2P6 B . -5.23 -4.36 10.40
C15 2P6 B . -4.27 -5.08 4.31
O16 2P6 B . -4.79 -6.11 3.92
N14 2P6 B . -4.50 -3.88 3.73
C10 2P6 B . -5.38 -3.75 2.59
C8 2P6 B . -4.91 -4.51 1.35
O9 2P6 B . -3.72 -4.72 1.18
C11 2P6 B . -5.47 -2.27 2.27
C12 2P6 B . -4.83 -1.57 3.45
C13 2P6 B . -3.95 -2.59 4.16
C1 2P6 B . -5.41 -4.41 -1.61
N2 2P6 B . -5.47 -3.36 -2.12
C3 2P6 B . -5.56 -5.59 -0.74
C4 2P6 B . -6.90 -6.23 -1.04
C5 2P6 B . -7.95 -5.26 -0.53
C6 2P6 B . -7.30 -4.61 0.68
N7 2P6 B . -5.87 -4.89 0.51
C1 GOL C . -26.29 6.89 -6.35
O1 GOL C . -25.28 7.55 -7.14
C2 GOL C . -26.26 7.22 -4.86
O2 GOL C . -25.00 7.71 -4.34
C3 GOL C . -27.29 8.31 -4.69
O3 GOL C . -26.79 9.29 -3.80
C1 GOL D . -6.98 -9.44 28.43
O1 GOL D . -8.39 -9.52 28.30
C2 GOL D . -6.35 -10.52 27.53
O2 GOL D . -6.88 -10.52 26.20
C3 GOL D . -4.85 -10.29 27.43
O3 GOL D . -4.25 -11.43 26.85
C1 GOL E . -15.64 -1.42 -27.12
O1 GOL E . -15.63 -2.05 -28.39
C2 GOL E . -14.21 -0.95 -26.80
O2 GOL E . -14.23 0.26 -26.06
C3 GOL E . -13.50 -2.03 -26.00
O3 GOL E . -12.10 -1.78 -26.12
C1 GOL F . 1.96 5.47 17.25
O1 GOL F . 1.32 4.86 16.13
C2 GOL F . 2.80 6.60 16.65
O2 GOL F . 1.96 7.67 16.34
C3 GOL F . 3.88 6.99 17.66
O3 GOL F . 4.93 7.77 17.11
#